data_4OCG
#
_entry.id   4OCG
#
_cell.length_a   133.710
_cell.length_b   133.710
_cell.length_c   84.317
_cell.angle_alpha   90.00
_cell.angle_beta   90.00
_cell.angle_gamma   120.00
#
_symmetry.space_group_name_H-M   'P 3'
#
loop_
_entity.id
_entity.type
_entity.pdbx_description
1 polymer 'FAD-dependent pyridine nucleotide-disulphide oxidoreductase'
2 non-polymer 'FLAVIN-ADENINE DINUCLEOTIDE'
3 non-polymer 'COENZYME A'
4 water water
#
_entity_poly.entity_id   1
_entity_poly.type   'polypeptide(L)'
_entity_poly.pdbx_seq_one_letter_code
;MKKILIIGGVAGGASAAARARRLSETAEIIMFERGEYVSFANCGLPYHISGEIAQRSALVLQTPESFKARFNVEVRVKHE
VVAIDRAAKLVTVRRLLDGSEYQESYDTLLLSPGAAPIVPPIPGVDNPLTHSLRNIPDMDRILQTIQMNNVEHATVVGGG
AIGLEMMESLHHLGIKTTLLELADQVMTPVDREMAGFAHQAIRDQGVDLRLGTALSEVSYQVQTHVASDAAGEDTAHQHI
KGHLSLTLSNGELLETDLLIMAIGVRPETQLARDAGLAIGELGGIKVNAMMQTSDPAIYAVGDAVEEQDFVTGQACLVPL
AGPANRQGRMAADNMFGREERYQGTQGTAICKVFDLAVGATGKNEKQLKQAGIAFEKVYVHTASHASYYPGAEVVSFKLL
FDPVKGTIFGAQAVGKDGIDKRIDVMAVAQRAGMTVEQLQHLELSYAPPYGSAKDVINQAAFVASNIIKGDATPIHFDQI
DNLSEDQLLLDVRNPGELQNGGLEGAVNIPVDELRDRMHELPKDKEIIIFCQVGLRGNVAYRQLVNNGYRARNLIGGYRT
YKFASVLEHHHHHH
;
_entity_poly.pdbx_strand_id   A,B
#
loop_
_chem_comp.id
_chem_comp.type
_chem_comp.name
_chem_comp.formula
COA non-polymer 'COENZYME A' 'C21 H36 N7 O16 P3 S'
FAD non-polymer 'FLAVIN-ADENINE DINUCLEOTIDE' 'C27 H33 N9 O15 P2'
#
# COMPACT_ATOMS: atom_id res chain seq x y z
N MET A 1 23.16 -12.25 37.00
CA MET A 1 22.67 -10.86 36.85
C MET A 1 23.42 -10.21 35.72
N LYS A 2 22.69 -9.78 34.69
CA LYS A 2 23.28 -8.94 33.65
C LYS A 2 23.12 -7.45 33.98
N LYS A 3 24.15 -6.64 33.85
CA LYS A 3 23.93 -5.18 34.01
C LYS A 3 24.03 -4.49 32.69
N ILE A 4 22.92 -3.91 32.27
CA ILE A 4 22.84 -3.34 30.95
C ILE A 4 22.66 -1.85 31.10
N LEU A 5 23.52 -1.07 30.45
CA LEU A 5 23.33 0.36 30.38
C LEU A 5 23.09 0.84 28.95
N ILE A 6 22.19 1.81 28.83
CA ILE A 6 21.69 2.28 27.55
C ILE A 6 21.83 3.79 27.44
N ILE A 7 22.58 4.22 26.43
CA ILE A 7 22.89 5.64 26.26
C ILE A 7 22.02 6.27 25.19
N GLY A 8 21.01 7.02 25.67
CA GLY A 8 20.08 7.71 24.76
C GLY A 8 18.79 6.98 24.86
N GLY A 9 17.69 7.66 24.94
CA GLY A 9 16.48 6.95 25.18
C GLY A 9 15.30 7.14 24.28
N VAL A 10 15.53 7.07 22.97
CA VAL A 10 14.46 7.30 22.00
C VAL A 10 14.19 6.05 21.14
N ALA A 11 14.41 6.19 19.85
CA ALA A 11 14.13 5.13 18.91
C ALA A 11 14.98 3.93 19.12
N GLY A 12 16.27 4.12 19.22
CA GLY A 12 17.18 2.99 19.45
C GLY A 12 17.18 2.52 20.89
N GLY A 13 17.57 3.43 21.79
CA GLY A 13 17.74 3.08 23.22
C GLY A 13 16.54 2.36 23.81
N ALA A 14 15.37 2.94 23.56
CA ALA A 14 14.16 2.65 24.29
C ALA A 14 13.54 1.39 23.73
N SER A 15 13.81 1.14 22.46
CA SER A 15 13.35 -0.05 21.82
C SER A 15 14.15 -1.16 22.41
N ALA A 16 15.47 -0.97 22.55
CA ALA A 16 16.28 -1.95 23.26
C ALA A 16 15.81 -2.17 24.73
N ALA A 17 15.52 -1.09 25.44
CA ALA A 17 15.20 -1.26 26.84
C ALA A 17 13.97 -2.15 27.02
N ALA A 18 12.97 -1.98 26.17
CA ALA A 18 11.71 -2.69 26.36
C ALA A 18 11.88 -4.17 26.01
N ARG A 19 12.69 -4.43 25.00
CA ARG A 19 12.90 -5.78 24.52
C ARG A 19 13.73 -6.57 25.52
N ALA A 20 14.71 -5.87 26.13
CA ALA A 20 15.62 -6.45 27.11
C ALA A 20 14.85 -6.93 28.33
N ARG A 21 13.87 -6.11 28.76
CA ARG A 21 13.01 -6.51 29.86
C ARG A 21 12.14 -7.71 29.46
N ARG A 22 11.62 -7.70 28.22
CA ARG A 22 10.74 -8.80 27.81
C ARG A 22 11.51 -10.09 27.77
N LEU A 23 12.82 -9.99 27.55
CA LEU A 23 13.69 -11.15 27.47
C LEU A 23 14.33 -11.52 28.80
N SER A 24 14.32 -10.64 29.83
CA SER A 24 14.87 -11.01 31.17
C SER A 24 14.24 -10.23 32.34
N GLU A 25 13.85 -10.92 33.40
CA GLU A 25 13.41 -10.20 34.59
C GLU A 25 14.61 -9.97 35.51
N THR A 26 15.65 -10.78 35.37
CA THR A 26 16.74 -10.70 36.34
C THR A 26 17.66 -9.53 36.01
N ALA A 27 17.68 -9.12 34.74
CA ALA A 27 18.65 -8.12 34.27
C ALA A 27 18.43 -6.74 34.92
N GLU A 28 19.52 -6.03 35.15
CA GLU A 28 19.40 -4.64 35.58
C GLU A 28 19.55 -3.75 34.36
N ILE A 29 18.55 -2.91 34.10
CA ILE A 29 18.57 -2.01 32.96
C ILE A 29 18.44 -0.54 33.40
N ILE A 30 19.43 0.27 33.02
CA ILE A 30 19.46 1.71 33.35
C ILE A 30 19.61 2.46 32.03
N MET A 31 18.72 3.45 31.80
CA MET A 31 18.69 4.22 30.55
C MET A 31 18.96 5.69 30.81
N PHE A 32 19.96 6.24 30.14
CA PHE A 32 20.37 7.61 30.38
C PHE A 32 19.78 8.41 29.24
N GLU A 33 19.00 9.45 29.55
CA GLU A 33 18.63 10.42 28.54
C GLU A 33 19.13 11.76 29.01
N ARG A 34 19.81 12.48 28.13
CA ARG A 34 20.39 13.73 28.55
C ARG A 34 19.28 14.78 28.69
N GLY A 35 18.25 14.71 27.85
CA GLY A 35 17.14 15.70 27.90
C GLY A 35 16.01 15.31 28.87
N GLU A 36 14.90 16.03 28.78
CA GLU A 36 13.84 15.79 29.74
C GLU A 36 12.94 14.58 29.45
N TYR A 37 12.84 14.18 28.18
CA TYR A 37 11.85 13.19 27.73
C TYR A 37 12.46 12.04 26.93
N VAL A 38 11.93 10.83 27.15
CA VAL A 38 12.29 9.66 26.36
C VAL A 38 11.10 9.16 25.54
N SER A 39 11.38 8.46 24.45
CA SER A 39 10.37 7.93 23.58
C SER A 39 9.49 9.03 22.99
N PHE A 40 10.09 10.13 22.58
CA PHE A 40 9.27 11.19 22.01
C PHE A 40 9.14 10.96 20.53
N ALA A 41 8.17 11.61 19.90
CA ALA A 41 7.96 11.40 18.47
C ALA A 41 8.75 12.42 17.67
N ASN A 42 10.04 12.16 17.41
CA ASN A 42 10.85 13.13 16.67
C ASN A 42 10.15 13.50 15.37
N CYS A 43 9.60 12.50 14.69
CA CYS A 43 8.91 12.68 13.40
C CYS A 43 7.74 13.72 13.40
N GLY A 44 7.12 13.96 14.54
CA GLY A 44 5.91 14.78 14.54
C GLY A 44 6.19 16.22 14.96
N LEU A 45 7.44 16.47 15.32
CA LEU A 45 7.80 17.77 15.85
C LEU A 45 7.27 18.91 14.98
N PRO A 46 7.40 18.81 13.62
CA PRO A 46 6.89 19.90 12.74
C PRO A 46 5.40 19.91 12.67
N TYR A 47 4.78 18.76 12.86
CA TYR A 47 3.32 18.66 12.86
C TYR A 47 2.68 19.31 14.07
N HIS A 48 3.47 19.43 15.16
CA HIS A 48 2.97 20.19 16.27
C HIS A 48 3.16 21.69 16.02
N ILE A 49 4.31 22.06 15.46
CA ILE A 49 4.51 23.49 15.13
C ILE A 49 3.36 24.03 14.24
N SER A 50 2.78 23.18 13.39
CA SER A 50 1.72 23.64 12.49
C SER A 50 0.37 23.62 13.18
N GLY A 51 0.27 22.99 14.34
CA GLY A 51 -1.03 22.70 14.95
C GLY A 51 -1.74 21.47 14.36
N GLU A 52 -1.21 20.88 13.28
CA GLU A 52 -1.78 19.66 12.75
C GLU A 52 -1.87 18.58 13.82
N ILE A 53 -0.89 18.58 14.72
CA ILE A 53 -0.85 17.74 15.94
C ILE A 53 -1.10 18.67 17.09
N ALA A 54 -2.26 18.52 17.68
CA ALA A 54 -2.80 19.62 18.44
C ALA A 54 -2.17 19.69 19.83
N GLN A 55 -2.04 18.55 20.52
CA GLN A 55 -1.66 18.54 21.94
C GLN A 55 -0.25 17.96 22.12
N ARG A 56 0.64 18.66 22.82
CA ARG A 56 2.00 18.19 22.79
C ARG A 56 2.24 16.89 23.56
N SER A 57 1.39 16.65 24.56
CA SER A 57 1.23 15.36 25.23
C SER A 57 1.25 14.21 24.27
N ALA A 58 0.83 14.44 23.03
CA ALA A 58 0.81 13.37 22.02
C ALA A 58 2.19 12.95 21.57
N LEU A 59 3.21 13.73 21.92
CA LEU A 59 4.55 13.55 21.37
C LEU A 59 5.49 12.75 22.30
N VAL A 60 5.00 12.46 23.51
CA VAL A 60 5.69 11.71 24.50
C VAL A 60 4.97 10.38 24.61
N LEU A 61 5.66 9.27 24.29
CA LEU A 61 4.95 7.97 24.18
C LEU A 61 5.20 7.07 25.38
N GLN A 62 6.34 7.24 26.05
CA GLN A 62 6.63 6.63 27.34
C GLN A 62 7.21 7.67 28.36
N THR A 63 7.28 7.35 29.65
CA THR A 63 7.84 8.29 30.65
C THR A 63 8.77 7.53 31.60
N PRO A 64 9.69 8.24 32.30
CA PRO A 64 10.50 7.47 33.27
C PRO A 64 9.62 6.59 34.16
N GLU A 65 8.41 7.07 34.45
CA GLU A 65 7.53 6.39 35.37
C GLU A 65 6.84 5.25 34.69
N SER A 66 6.43 5.46 33.44
CA SER A 66 5.80 4.37 32.67
C SER A 66 6.81 3.27 32.43
N PHE A 67 8.05 3.64 32.06
CA PHE A 67 9.11 2.66 31.88
C PHE A 67 9.47 1.88 33.19
N LYS A 68 9.25 2.46 34.37
CA LYS A 68 9.51 1.75 35.63
C LYS A 68 8.35 0.81 35.95
N ALA A 69 7.11 1.30 35.88
CA ALA A 69 5.97 0.43 36.18
C ALA A 69 5.82 -0.70 35.18
N ARG A 70 5.91 -0.42 33.87
CA ARG A 70 5.76 -1.51 32.90
C ARG A 70 6.96 -2.45 32.88
N PHE A 71 8.15 -1.89 32.70
CA PHE A 71 9.32 -2.64 32.30
C PHE A 71 10.46 -2.68 33.36
N ASN A 72 10.23 -2.17 34.57
CA ASN A 72 11.25 -2.15 35.59
C ASN A 72 12.56 -1.69 34.99
N VAL A 73 12.48 -0.52 34.34
CA VAL A 73 13.65 0.10 33.72
C VAL A 73 13.87 1.46 34.35
N GLU A 74 15.09 1.70 34.82
CA GLU A 74 15.41 2.96 35.42
C GLU A 74 15.80 3.93 34.37
N VAL A 75 15.01 4.95 34.21
CA VAL A 75 15.31 6.00 33.32
C VAL A 75 15.84 7.10 34.17
N ARG A 76 16.91 7.69 33.70
CA ARG A 76 17.45 8.84 34.34
C ARG A 76 17.48 9.94 33.33
N VAL A 77 16.55 10.86 33.42
CA VAL A 77 16.51 11.99 32.50
C VAL A 77 17.37 13.13 33.03
N LYS A 78 17.91 13.94 32.13
CA LYS A 78 18.88 14.96 32.57
C LYS A 78 20.15 14.33 33.23
N HIS A 79 20.58 13.21 32.69
CA HIS A 79 21.87 12.59 33.02
C HIS A 79 22.57 12.38 31.67
N GLU A 80 23.72 13.00 31.45
CA GLU A 80 24.38 12.87 30.16
C GLU A 80 25.59 11.98 30.41
N VAL A 81 25.73 10.91 29.65
CA VAL A 81 26.97 10.16 29.77
C VAL A 81 28.11 10.98 29.16
N VAL A 82 29.11 11.34 29.96
CA VAL A 82 30.24 12.18 29.46
C VAL A 82 31.58 11.46 29.13
N ALA A 83 31.68 10.16 29.42
CA ALA A 83 32.83 9.34 29.03
C ALA A 83 32.56 7.84 29.25
N ILE A 84 33.16 7.01 28.41
CA ILE A 84 33.25 5.55 28.65
C ILE A 84 34.70 5.14 28.86
N ASP A 85 34.94 4.41 29.92
CA ASP A 85 36.26 3.86 30.10
C ASP A 85 36.09 2.38 29.98
N ARG A 86 36.53 1.86 28.85
CA ARG A 86 36.26 0.45 28.50
C ARG A 86 36.92 -0.60 29.40
N ALA A 87 38.23 -0.41 29.62
CA ALA A 87 39.05 -1.32 30.42
C ALA A 87 38.41 -1.53 31.78
N ALA A 88 37.99 -0.40 32.34
CA ALA A 88 37.33 -0.34 33.63
C ALA A 88 35.88 -0.88 33.61
N LYS A 89 35.22 -0.75 32.46
CA LYS A 89 33.77 -1.00 32.27
C LYS A 89 32.91 -0.06 33.13
N LEU A 90 33.05 1.22 33.07
CA LEU A 90 32.44 2.34 33.77
C LEU A 90 32.13 3.52 32.83
N VAL A 91 30.97 4.07 33.04
CA VAL A 91 30.61 5.31 32.47
C VAL A 91 30.67 6.38 33.53
N THR A 92 30.89 7.58 33.06
CA THR A 92 30.97 8.73 33.88
C THR A 92 29.80 9.57 33.48
N VAL A 93 28.94 9.84 34.43
CA VAL A 93 27.72 10.54 34.18
C VAL A 93 27.64 11.83 34.96
N ARG A 94 27.12 12.86 34.29
CA ARG A 94 26.84 14.15 34.86
C ARG A 94 25.38 14.39 35.01
N ARG A 95 24.97 15.00 36.10
CA ARG A 95 23.57 15.33 36.30
C ARG A 95 23.41 16.79 35.86
N LEU A 96 22.73 17.05 34.75
CA LEU A 96 22.66 18.45 34.26
C LEU A 96 21.88 19.38 35.22
N LEU A 97 21.05 18.77 36.08
CA LEU A 97 20.42 19.49 37.16
C LEU A 97 21.46 20.42 37.82
N ASP A 98 22.63 19.89 38.16
CA ASP A 98 23.60 20.65 38.93
C ASP A 98 25.11 20.58 38.57
N GLY A 99 25.45 19.90 37.47
CA GLY A 99 26.86 19.73 37.07
C GLY A 99 27.72 18.70 37.81
N SER A 100 27.11 18.00 38.77
CA SER A 100 27.83 16.96 39.56
C SER A 100 28.09 15.66 38.77
N GLU A 101 29.01 14.81 39.25
CA GLU A 101 29.37 13.61 38.48
C GLU A 101 29.35 12.33 39.30
N TYR A 102 29.13 11.19 38.65
CA TYR A 102 29.23 9.87 39.30
C TYR A 102 29.61 8.86 38.22
N GLN A 103 29.80 7.61 38.60
CA GLN A 103 30.14 6.60 37.61
C GLN A 103 29.27 5.42 37.83
N GLU A 104 29.01 4.66 36.76
CA GLU A 104 28.16 3.51 36.88
C GLU A 104 28.82 2.39 36.13
N SER A 105 28.79 1.17 36.69
CA SER A 105 29.41 0.05 36.01
C SER A 105 28.43 -0.65 35.12
N TYR A 106 28.98 -1.42 34.18
CA TYR A 106 28.20 -2.19 33.23
C TYR A 106 28.85 -3.49 32.82
N ASP A 107 27.99 -4.49 32.53
CA ASP A 107 28.34 -5.69 31.80
C ASP A 107 28.24 -5.41 30.27
N THR A 108 27.13 -4.88 29.78
CA THR A 108 27.10 -4.47 28.37
C THR A 108 26.52 -3.08 28.26
N LEU A 109 26.98 -2.36 27.24
CA LEU A 109 26.56 -1.02 26.97
C LEU A 109 25.94 -0.94 25.58
N LEU A 110 24.90 -0.12 25.42
CA LEU A 110 24.44 0.24 24.12
C LEU A 110 24.47 1.73 24.00
N LEU A 111 25.06 2.21 22.90
CA LEU A 111 25.09 3.61 22.47
C LEU A 111 24.01 3.85 21.42
N SER A 112 23.16 4.86 21.65
CA SER A 112 22.07 5.24 20.76
C SER A 112 21.82 6.74 20.88
N PRO A 113 22.89 7.50 20.69
CA PRO A 113 22.92 8.95 20.84
C PRO A 113 22.39 9.77 19.67
N GLY A 114 22.06 9.11 18.56
CA GLY A 114 21.40 9.79 17.47
C GLY A 114 22.38 10.63 16.69
N ALA A 115 21.88 11.64 15.98
CA ALA A 115 22.72 12.48 15.13
C ALA A 115 22.35 13.92 15.35
N ALA A 116 23.31 14.85 15.35
CA ALA A 116 22.95 16.24 15.62
C ALA A 116 22.82 17.06 14.35
N PRO A 117 21.85 18.01 14.29
CA PRO A 117 21.72 18.84 13.06
C PRO A 117 23.05 19.44 12.69
N ILE A 118 23.43 19.40 11.42
CA ILE A 118 24.66 20.07 10.96
C ILE A 118 24.58 21.58 11.18
N VAL A 119 25.63 22.16 11.78
CA VAL A 119 25.79 23.61 11.74
C VAL A 119 26.85 23.85 10.72
N PRO A 120 26.53 24.67 9.69
CA PRO A 120 27.44 24.97 8.59
C PRO A 120 28.40 26.09 9.00
N PRO A 121 29.64 26.07 8.46
CA PRO A 121 30.64 27.05 8.91
C PRO A 121 30.32 28.45 8.25
N ILE A 122 29.23 29.05 8.71
CA ILE A 122 28.64 30.23 8.07
C ILE A 122 28.65 31.46 9.02
N PRO A 123 29.35 32.54 8.63
CA PRO A 123 29.42 33.69 9.54
C PRO A 123 28.06 34.13 10.14
N GLY A 124 28.07 34.17 11.48
CA GLY A 124 26.97 34.71 12.29
C GLY A 124 25.68 33.91 12.21
N VAL A 125 25.81 32.61 11.98
CA VAL A 125 24.68 31.70 11.91
C VAL A 125 24.16 31.40 13.31
N ASP A 126 25.03 31.54 14.30
CA ASP A 126 24.58 31.39 15.66
C ASP A 126 24.07 32.79 16.13
N ASN A 127 22.74 32.91 16.22
CA ASN A 127 22.03 34.12 16.60
C ASN A 127 20.65 33.77 17.23
N PRO A 128 19.91 34.76 17.77
CA PRO A 128 18.72 34.29 18.51
C PRO A 128 17.50 33.87 17.66
N LEU A 129 17.55 34.21 16.38
CA LEU A 129 16.47 33.97 15.43
C LEU A 129 16.74 32.80 14.48
N THR A 130 17.71 31.94 14.80
CA THR A 130 18.10 30.84 13.95
C THR A 130 18.08 29.54 14.79
N HIS A 131 17.30 28.55 14.35
CA HIS A 131 17.17 27.34 15.12
C HIS A 131 17.24 26.09 14.27
N SER A 132 17.78 25.04 14.85
CA SER A 132 17.66 23.72 14.31
C SER A 132 16.51 22.99 14.99
N LEU A 133 16.22 21.77 14.53
CA LEU A 133 15.21 20.99 15.22
C LEU A 133 15.59 19.53 15.34
N ARG A 134 15.80 19.03 16.56
CA ARG A 134 15.84 17.56 16.75
C ARG A 134 15.01 17.00 17.90
N ASN A 135 14.50 17.88 18.76
CA ASN A 135 13.81 17.48 20.01
C ASN A 135 12.74 18.55 20.52
N ILE A 136 12.01 18.25 21.60
CA ILE A 136 10.96 19.22 22.00
C ILE A 136 11.57 20.58 22.36
N PRO A 137 12.65 20.61 23.16
CA PRO A 137 13.09 21.97 23.46
C PRO A 137 13.46 22.76 22.23
N ASP A 138 14.01 22.10 21.20
CA ASP A 138 14.32 22.79 19.95
C ASP A 138 13.05 23.33 19.34
N MET A 139 11.97 22.56 19.48
CA MET A 139 10.66 22.95 18.97
C MET A 139 10.09 24.15 19.72
N ASP A 140 10.20 24.14 21.04
CA ASP A 140 9.66 25.20 21.89
C ASP A 140 10.27 26.55 21.54
N ARG A 141 11.57 26.57 21.28
CA ARG A 141 12.29 27.76 20.84
C ARG A 141 11.83 28.25 19.49
N ILE A 142 11.59 27.32 18.57
CA ILE A 142 10.93 27.71 17.32
C ILE A 142 9.60 28.35 17.65
N LEU A 143 8.76 27.63 18.40
CA LEU A 143 7.48 28.16 18.77
C LEU A 143 7.57 29.54 19.44
N GLN A 144 8.52 29.68 20.37
CA GLN A 144 8.67 30.91 21.09
C GLN A 144 9.13 32.09 20.20
N THR A 145 9.97 31.82 19.20
CA THR A 145 10.34 32.85 18.23
C THR A 145 9.15 33.34 17.34
N ILE A 146 8.31 32.39 16.89
CA ILE A 146 7.12 32.77 16.13
C ILE A 146 6.18 33.72 16.90
N GLN A 147 6.02 33.52 18.22
CA GLN A 147 5.12 34.37 18.99
C GLN A 147 5.82 35.67 19.38
N MET A 148 7.13 35.57 19.65
CA MET A 148 7.82 36.74 20.24
C MET A 148 8.19 37.64 19.11
N ASN A 149 8.55 37.03 17.98
CA ASN A 149 8.99 37.84 16.88
C ASN A 149 7.94 38.16 15.84
N ASN A 150 6.71 37.72 16.09
CA ASN A 150 5.59 38.04 15.19
C ASN A 150 5.97 37.64 13.77
N VAL A 151 6.37 36.38 13.59
CA VAL A 151 7.01 36.00 12.30
C VAL A 151 6.06 36.03 11.08
N GLU A 152 6.48 36.74 10.02
CA GLU A 152 5.65 36.90 8.77
C GLU A 152 6.37 36.45 7.49
N HIS A 153 7.71 36.47 7.53
CA HIS A 153 8.51 35.77 6.55
C HIS A 153 9.52 34.92 7.27
N ALA A 154 9.75 33.73 6.74
CA ALA A 154 10.69 32.78 7.35
C ALA A 154 11.39 32.01 6.27
N THR A 155 12.62 31.63 6.53
CA THR A 155 13.42 30.98 5.55
C THR A 155 13.86 29.65 6.07
N VAL A 156 13.60 28.60 5.34
CA VAL A 156 14.12 27.30 5.68
C VAL A 156 15.28 27.05 4.77
N VAL A 157 16.36 26.52 5.27
CA VAL A 157 17.47 26.19 4.42
C VAL A 157 17.68 24.70 4.45
N GLY A 158 17.40 24.01 3.37
CA GLY A 158 17.48 22.54 3.31
C GLY A 158 16.26 21.88 2.69
N GLY A 159 16.43 21.17 1.58
CA GLY A 159 15.32 20.58 0.89
C GLY A 159 15.10 19.07 1.05
N GLY A 160 15.65 18.50 2.14
CA GLY A 160 15.35 17.16 2.60
C GLY A 160 14.03 17.11 3.34
N ALA A 161 13.76 15.96 3.96
CA ALA A 161 12.48 15.73 4.66
C ALA A 161 12.12 16.83 5.68
N ILE A 162 12.99 17.02 6.67
CA ILE A 162 12.70 17.96 7.75
C ILE A 162 12.38 19.35 7.17
N GLY A 163 13.28 19.84 6.31
CA GLY A 163 13.16 21.16 5.76
C GLY A 163 11.88 21.33 4.96
N LEU A 164 11.52 20.31 4.17
CA LEU A 164 10.24 20.35 3.46
C LEU A 164 9.05 20.39 4.43
N GLU A 165 9.13 19.63 5.54
CA GLU A 165 8.04 19.60 6.52
C GLU A 165 7.99 20.94 7.21
N MET A 166 9.14 21.47 7.59
CA MET A 166 9.17 22.77 8.23
C MET A 166 8.59 23.80 7.28
N MET A 167 8.99 23.78 6.02
CA MET A 167 8.47 24.80 5.10
C MET A 167 6.93 24.74 5.05
N GLU A 168 6.39 23.53 4.91
CA GLU A 168 4.95 23.31 4.88
C GLU A 168 4.25 23.74 6.19
N SER A 169 4.87 23.45 7.35
CA SER A 169 4.28 23.94 8.61
C SER A 169 4.16 25.45 8.68
N LEU A 170 5.24 26.14 8.37
CA LEU A 170 5.21 27.57 8.40
C LEU A 170 4.15 28.05 7.42
N HIS A 171 4.07 27.46 6.24
CA HIS A 171 3.07 27.90 5.32
C HIS A 171 1.68 27.79 6.00
N HIS A 172 1.46 26.71 6.76
CA HIS A 172 0.16 26.41 7.31
C HIS A 172 -0.21 27.44 8.38
N LEU A 173 0.83 28.02 9.00
CA LEU A 173 0.58 29.11 10.00
C LEU A 173 0.40 30.44 9.30
N GLY A 174 0.33 30.41 7.98
CA GLY A 174 0.20 31.60 7.16
C GLY A 174 1.43 32.51 7.26
N ILE A 175 2.63 31.96 7.12
CA ILE A 175 3.83 32.74 7.02
C ILE A 175 4.41 32.53 5.60
N LYS A 176 4.81 33.63 4.96
CA LYS A 176 5.50 33.60 3.68
C LYS A 176 6.85 32.87 3.84
N THR A 177 7.17 31.95 2.95
CA THR A 177 8.36 31.21 3.16
C THR A 177 9.24 31.19 1.93
N THR A 178 10.54 31.16 2.19
CA THR A 178 11.56 30.88 1.24
C THR A 178 12.21 29.55 1.64
N LEU A 179 12.28 28.56 0.72
CA LEU A 179 13.13 27.38 0.99
C LEU A 179 14.31 27.53 0.10
N LEU A 180 15.51 27.29 0.64
CA LEU A 180 16.75 27.27 -0.17
C LEU A 180 17.42 25.92 -0.11
N GLU A 181 17.98 25.46 -1.22
CA GLU A 181 18.71 24.19 -1.27
C GLU A 181 19.95 24.36 -2.14
N LEU A 182 21.11 23.96 -1.63
CA LEU A 182 22.32 24.03 -2.44
C LEU A 182 22.16 23.17 -3.70
N ALA A 183 21.50 22.00 -3.57
CA ALA A 183 21.42 21.03 -4.65
C ALA A 183 20.42 21.46 -5.73
N ASP A 184 20.32 20.69 -6.82
CA ASP A 184 19.45 21.12 -7.91
C ASP A 184 17.97 20.66 -7.75
N GLN A 185 17.63 20.19 -6.54
CA GLN A 185 16.35 19.53 -6.24
C GLN A 185 16.15 19.32 -4.75
N VAL A 186 14.89 19.21 -4.33
CA VAL A 186 14.60 18.85 -2.96
C VAL A 186 14.57 17.31 -2.93
N MET A 187 14.46 16.70 -1.76
CA MET A 187 14.29 15.23 -1.65
C MET A 187 15.27 14.34 -2.49
N THR A 188 16.57 14.33 -2.13
CA THR A 188 17.61 13.60 -2.89
C THR A 188 17.39 12.09 -3.00
N PRO A 189 16.54 11.52 -2.20
CA PRO A 189 16.21 10.13 -2.42
C PRO A 189 15.62 9.89 -3.78
N VAL A 190 14.81 10.79 -4.31
CA VAL A 190 14.35 10.69 -5.66
C VAL A 190 15.25 11.44 -6.60
N ASP A 191 15.16 11.18 -7.87
CA ASP A 191 16.01 11.85 -8.80
C ASP A 191 15.35 13.12 -9.24
N ARG A 192 16.15 14.04 -9.71
CA ARG A 192 15.73 15.38 -10.07
C ARG A 192 14.43 15.49 -10.86
N GLU A 193 14.34 14.73 -11.91
CA GLU A 193 13.16 14.71 -12.77
C GLU A 193 11.89 14.29 -12.01
N MET A 194 12.04 13.38 -11.03
CA MET A 194 10.97 13.10 -10.05
C MET A 194 10.67 14.26 -9.10
N ALA A 195 11.70 14.79 -8.43
CA ALA A 195 11.57 16.05 -7.65
C ALA A 195 10.73 17.11 -8.34
N GLY A 196 10.86 17.20 -9.67
CA GLY A 196 10.08 18.17 -10.44
C GLY A 196 8.60 18.31 -10.06
N PHE A 197 7.94 17.21 -9.71
CA PHE A 197 6.53 17.30 -9.39
C PHE A 197 6.42 17.99 -8.05
N ALA A 198 7.36 17.69 -7.16
CA ALA A 198 7.36 18.39 -5.89
C ALA A 198 7.59 19.90 -6.09
N HIS A 199 8.56 20.25 -6.93
CA HIS A 199 8.88 21.65 -7.23
C HIS A 199 7.67 22.47 -7.60
N GLN A 200 6.93 22.08 -8.65
CA GLN A 200 5.67 22.75 -8.93
C GLN A 200 4.66 22.77 -7.78
N ALA A 201 4.54 21.70 -7.01
CA ALA A 201 3.55 21.78 -5.96
C ALA A 201 3.94 22.88 -4.98
N ILE A 202 5.22 22.99 -4.65
CA ILE A 202 5.72 24.00 -3.75
C ILE A 202 5.50 25.39 -4.33
N ARG A 203 5.85 25.60 -5.58
CA ARG A 203 5.72 26.95 -6.12
C ARG A 203 4.24 27.36 -6.13
N ASP A 204 3.37 26.40 -6.44
CA ASP A 204 1.96 26.64 -6.66
C ASP A 204 1.33 27.12 -5.40
N GLN A 205 2.08 27.02 -4.30
CA GLN A 205 1.57 27.39 -2.98
C GLN A 205 1.99 28.79 -2.59
N GLY A 206 2.68 29.48 -3.48
CA GLY A 206 3.32 30.76 -3.18
C GLY A 206 4.57 30.64 -2.32
N VAL A 207 5.09 29.45 -2.15
CA VAL A 207 6.41 29.34 -1.52
C VAL A 207 7.51 29.79 -2.49
N ASP A 208 8.53 30.46 -1.99
CA ASP A 208 9.62 30.96 -2.82
C ASP A 208 10.82 30.01 -2.67
N LEU A 209 10.93 29.10 -3.65
CA LEU A 209 11.84 27.96 -3.67
C LEU A 209 13.07 28.30 -4.46
N ARG A 210 14.21 28.40 -3.84
CA ARG A 210 15.42 28.68 -4.55
C ARG A 210 16.31 27.49 -4.52
N LEU A 211 16.55 26.89 -5.67
CA LEU A 211 17.38 25.72 -5.71
C LEU A 211 18.72 26.12 -6.22
N GLY A 212 19.71 25.30 -6.03
CA GLY A 212 21.05 25.62 -6.48
C GLY A 212 21.62 26.84 -5.84
N THR A 213 21.17 27.16 -4.62
CA THR A 213 21.51 28.37 -3.94
C THR A 213 22.05 28.10 -2.58
N ALA A 214 23.05 28.84 -2.14
CA ALA A 214 23.53 28.70 -0.78
C ALA A 214 23.30 29.96 0.05
N LEU A 215 23.13 29.76 1.36
CA LEU A 215 23.31 30.83 2.32
C LEU A 215 24.83 31.09 2.49
N SER A 216 25.29 32.26 2.06
CA SER A 216 26.66 32.71 2.28
C SER A 216 26.91 33.32 3.68
N GLU A 217 26.09 34.29 4.07
CA GLU A 217 26.30 34.97 5.34
C GLU A 217 24.97 35.37 5.96
N VAL A 218 24.96 35.30 7.30
CA VAL A 218 23.84 35.79 8.13
C VAL A 218 24.27 36.97 9.01
N SER A 219 23.69 38.15 8.76
CA SER A 219 23.81 39.31 9.66
C SER A 219 22.52 39.40 10.45
N TYR A 220 22.64 39.36 11.79
CA TYR A 220 21.51 39.53 12.75
C TYR A 220 21.49 40.93 13.38
N GLN A 221 20.35 41.62 13.32
CA GLN A 221 20.23 42.99 13.81
C GLN A 221 19.21 43.16 14.93
N VAL A 222 19.70 43.53 16.08
CA VAL A 222 18.84 43.72 17.22
C VAL A 222 17.82 44.92 16.96
N GLN A 223 16.61 44.86 17.51
CA GLN A 223 15.61 45.90 17.21
C GLN A 223 15.66 46.98 18.29
N THR A 224 16.06 48.20 17.94
CA THR A 224 16.27 49.16 19.01
C THR A 224 15.00 49.98 19.26
N HIS A 225 14.00 49.84 18.38
CA HIS A 225 12.84 50.73 18.39
C HIS A 225 11.54 49.93 18.71
N VAL A 226 10.90 50.23 19.83
CA VAL A 226 9.60 49.67 20.07
C VAL A 226 8.49 50.66 19.69
N ALA A 227 7.82 50.30 18.59
CA ALA A 227 6.63 50.97 18.13
C ALA A 227 5.56 50.80 19.20
N SER A 228 4.73 51.82 19.38
CA SER A 228 3.61 51.68 20.30
C SER A 228 2.36 52.39 19.83
N ASP A 229 1.24 51.94 20.37
CA ASP A 229 0.02 52.58 20.00
C ASP A 229 -0.09 53.95 20.64
N ALA A 230 0.39 54.08 21.88
CA ALA A 230 0.59 55.38 22.53
C ALA A 230 1.18 56.50 21.62
N ALA A 231 2.08 56.06 20.72
CA ALA A 231 2.84 56.89 19.75
C ALA A 231 2.27 56.92 18.31
N GLY A 232 1.02 56.49 18.12
CA GLY A 232 0.36 56.54 16.81
C GLY A 232 1.00 55.74 15.68
N GLU A 233 1.82 54.76 16.03
CA GLU A 233 2.32 53.86 15.01
C GLU A 233 1.43 52.60 14.83
N ASP A 234 1.84 51.76 13.90
CA ASP A 234 1.19 50.50 13.65
C ASP A 234 2.10 49.36 14.18
N THR A 235 1.55 48.65 15.17
CA THR A 235 2.24 47.58 15.89
C THR A 235 2.10 46.21 15.25
N ALA A 236 1.42 46.16 14.09
CA ALA A 236 1.02 44.87 13.52
C ALA A 236 2.19 44.15 12.85
N HIS A 237 3.10 44.89 12.25
CA HIS A 237 4.15 44.32 11.43
C HIS A 237 5.51 44.58 12.06
N GLN A 238 5.48 44.66 13.40
CA GLN A 238 6.68 44.80 14.18
C GLN A 238 7.35 43.46 14.43
N HIS A 239 8.67 43.46 14.67
CA HIS A 239 9.49 42.27 15.02
C HIS A 239 10.46 42.55 16.18
N ILE A 240 9.96 42.33 17.38
CA ILE A 240 10.60 42.90 18.55
C ILE A 240 11.85 42.12 19.02
N LYS A 241 12.02 40.89 18.54
CA LYS A 241 13.27 40.15 18.84
C LYS A 241 14.28 40.39 17.72
N GLY A 242 13.84 41.10 16.69
CA GLY A 242 14.77 41.60 15.70
C GLY A 242 14.62 41.00 14.34
N HIS A 243 15.73 41.05 13.61
CA HIS A 243 15.68 40.86 12.21
C HIS A 243 16.92 40.17 11.65
N LEU A 244 16.77 39.42 10.55
CA LEU A 244 17.88 38.76 9.87
C LEU A 244 18.03 39.19 8.41
N SER A 245 19.27 39.40 8.00
CA SER A 245 19.59 39.76 6.61
C SER A 245 20.48 38.66 6.11
N LEU A 246 20.00 37.87 5.15
CA LEU A 246 20.80 36.77 4.63
C LEU A 246 21.51 37.22 3.37
N THR A 247 22.71 36.69 3.16
CA THR A 247 23.41 36.91 1.90
C THR A 247 23.48 35.56 1.15
N LEU A 248 23.00 35.52 -0.08
CA LEU A 248 23.05 34.29 -0.84
C LEU A 248 24.32 34.21 -1.70
N SER A 249 24.65 32.98 -2.12
CA SER A 249 25.83 32.64 -2.95
C SER A 249 25.90 33.52 -4.18
N ASN A 250 24.75 33.96 -4.65
CA ASN A 250 24.69 34.77 -5.85
C ASN A 250 24.65 36.28 -5.56
N GLY A 251 25.07 36.70 -4.36
CA GLY A 251 25.20 38.13 -3.97
C GLY A 251 23.91 38.80 -3.51
N GLU A 252 22.79 38.17 -3.86
CA GLU A 252 21.46 38.62 -3.47
C GLU A 252 21.22 38.57 -1.97
N LEU A 253 20.17 39.28 -1.55
CA LEU A 253 19.91 39.58 -0.16
C LEU A 253 18.47 39.16 0.24
N LEU A 254 18.32 38.50 1.37
CA LEU A 254 17.00 38.11 1.80
C LEU A 254 16.70 38.60 3.19
N GLU A 255 15.61 39.35 3.30
CA GLU A 255 15.16 39.93 4.57
C GLU A 255 14.11 39.02 5.21
N THR A 256 14.37 38.55 6.42
CA THR A 256 13.49 37.53 6.96
C THR A 256 13.39 37.76 8.46
N ASP A 257 12.33 37.21 9.09
CA ASP A 257 12.17 37.23 10.56
C ASP A 257 12.63 35.95 11.27
N LEU A 258 12.82 34.84 10.54
CA LEU A 258 13.22 33.57 11.19
C LEU A 258 13.90 32.66 10.20
N LEU A 259 14.86 31.87 10.69
CA LEU A 259 15.74 31.03 9.88
C LEU A 259 15.94 29.66 10.49
N ILE A 260 15.49 28.66 9.75
CA ILE A 260 15.50 27.25 10.17
C ILE A 260 16.59 26.46 9.49
N MET A 261 17.43 25.85 10.30
CA MET A 261 18.57 25.13 9.76
C MET A 261 18.26 23.65 9.63
N ALA A 262 18.03 23.19 8.40
CA ALA A 262 17.68 21.78 8.15
C ALA A 262 18.53 21.23 7.00
N ILE A 263 19.84 21.31 7.16
CA ILE A 263 20.72 20.85 6.11
C ILE A 263 21.20 19.38 6.27
N GLY A 264 20.49 18.58 7.08
CA GLY A 264 20.97 17.25 7.52
C GLY A 264 21.59 17.11 8.91
N VAL A 265 22.09 15.90 9.18
CA VAL A 265 22.61 15.49 10.50
C VAL A 265 23.96 14.76 10.44
N ARG A 266 24.71 14.80 11.54
CA ARG A 266 26.00 14.11 11.67
C ARG A 266 26.03 13.32 12.99
N PRO A 267 26.32 12.02 12.94
CA PRO A 267 26.45 11.17 14.09
C PRO A 267 27.18 11.72 15.29
N GLU A 268 26.59 11.46 16.43
CA GLU A 268 27.21 11.72 17.68
C GLU A 268 28.31 10.67 17.84
N THR A 269 29.54 11.11 17.58
CA THR A 269 30.68 10.20 17.56
C THR A 269 31.61 10.44 18.72
N GLN A 270 31.53 11.64 19.29
CA GLN A 270 32.41 12.07 20.42
C GLN A 270 32.68 11.05 21.53
N LEU A 271 31.64 10.49 22.14
CA LEU A 271 31.87 9.47 23.16
C LEU A 271 32.70 8.32 22.56
N ALA A 272 32.22 7.75 21.45
CA ALA A 272 32.90 6.63 20.79
C ALA A 272 34.36 6.92 20.43
N ARG A 273 34.62 8.12 19.90
CA ARG A 273 35.98 8.48 19.53
C ARG A 273 36.83 8.50 20.77
N ASP A 274 36.46 9.34 21.73
CA ASP A 274 37.15 9.38 23.04
C ASP A 274 37.41 8.00 23.62
N ALA A 275 36.53 7.04 23.38
CA ALA A 275 36.71 5.76 24.01
C ALA A 275 37.55 4.81 23.13
N GLY A 276 37.98 5.31 21.96
CA GLY A 276 38.77 4.52 21.03
C GLY A 276 38.02 3.42 20.28
N LEU A 277 36.68 3.56 20.15
CA LEU A 277 35.86 2.61 19.37
C LEU A 277 35.96 3.03 17.92
N ALA A 278 35.90 2.07 16.99
CA ALA A 278 36.26 2.39 15.62
C ALA A 278 35.14 3.21 14.90
N ILE A 279 35.54 4.30 14.23
CA ILE A 279 34.63 5.10 13.40
C ILE A 279 34.91 4.78 11.96
N GLY A 280 33.84 4.54 11.21
CA GLY A 280 33.94 4.24 9.80
C GLY A 280 34.23 5.49 9.00
N GLU A 281 34.22 5.35 7.68
CA GLU A 281 34.78 6.36 6.78
C GLU A 281 33.87 7.50 6.47
N LEU A 282 32.62 7.37 6.94
CA LEU A 282 31.55 8.28 6.60
C LEU A 282 31.25 9.20 7.80
N GLY A 283 32.05 9.03 8.87
CA GLY A 283 31.86 9.70 10.16
C GLY A 283 30.89 9.03 11.13
N GLY A 284 30.54 7.77 10.90
CA GLY A 284 29.55 7.09 11.74
C GLY A 284 30.24 5.97 12.49
N ILE A 285 29.71 5.58 13.66
CA ILE A 285 30.26 4.48 14.49
C ILE A 285 30.27 3.18 13.69
N LYS A 286 31.43 2.52 13.60
CA LYS A 286 31.50 1.22 12.93
C LYS A 286 30.82 0.13 13.76
N VAL A 287 30.03 -0.71 13.13
CA VAL A 287 29.40 -1.82 13.82
C VAL A 287 29.43 -3.01 12.92
N ASN A 288 29.34 -4.19 13.46
CA ASN A 288 29.23 -5.35 12.63
C ASN A 288 27.76 -5.66 12.46
N ALA A 289 27.40 -6.78 11.92
CA ALA A 289 26.00 -7.00 11.70
C ALA A 289 25.26 -7.35 12.95
N MET A 290 25.89 -7.29 14.10
CA MET A 290 25.28 -7.89 15.25
C MET A 290 24.66 -7.12 16.39
N MET A 291 24.85 -5.83 16.60
CA MET A 291 25.60 -4.88 15.86
C MET A 291 26.61 -4.27 16.78
N GLN A 292 27.72 -4.95 16.97
CA GLN A 292 28.84 -4.62 17.84
C GLN A 292 29.76 -3.57 17.26
N THR A 293 30.24 -2.69 18.15
CA THR A 293 31.27 -1.74 17.83
C THR A 293 32.55 -2.55 17.86
N SER A 294 33.69 -1.90 17.67
CA SER A 294 34.95 -2.66 17.82
C SER A 294 35.21 -3.20 19.25
N ASP A 295 34.46 -2.80 20.26
CA ASP A 295 34.44 -3.50 21.59
C ASP A 295 33.28 -4.49 21.67
N PRO A 296 33.52 -5.81 21.77
CA PRO A 296 32.30 -6.70 21.82
C PRO A 296 31.29 -6.44 22.98
N ALA A 297 31.67 -5.73 24.00
CA ALA A 297 30.73 -5.47 25.09
C ALA A 297 29.79 -4.24 24.79
N ILE A 298 30.08 -3.54 23.70
CA ILE A 298 29.41 -2.28 23.36
C ILE A 298 28.80 -2.40 21.96
N TYR A 299 27.50 -2.19 21.93
CA TYR A 299 26.74 -2.17 20.73
C TYR A 299 26.38 -0.75 20.41
N ALA A 300 25.98 -0.50 19.19
CA ALA A 300 25.49 0.80 18.84
C ALA A 300 24.44 0.70 17.74
N VAL A 301 23.46 1.57 17.75
CA VAL A 301 22.36 1.47 16.81
C VAL A 301 21.88 2.84 16.50
N GLY A 302 21.08 3.00 15.44
CA GLY A 302 20.37 4.25 15.22
C GLY A 302 21.10 5.19 14.30
N ASP A 303 20.73 6.47 14.34
CA ASP A 303 21.30 7.52 13.53
C ASP A 303 22.82 7.68 13.73
N ALA A 304 23.36 7.21 14.86
CA ALA A 304 24.81 7.32 15.10
C ALA A 304 25.71 6.38 14.25
N VAL A 305 25.18 5.25 13.58
CA VAL A 305 26.02 4.19 13.02
C VAL A 305 26.03 4.16 11.49
N GLU A 306 27.01 3.57 11.06
CA GLU A 306 27.08 3.32 9.64
C GLU A 306 26.49 1.94 9.48
N GLU A 307 25.70 1.74 8.44
CA GLU A 307 25.17 0.39 8.25
C GLU A 307 25.45 -0.04 6.80
N GLN A 308 25.08 -1.26 6.44
CA GLN A 308 25.24 -1.75 5.06
C GLN A 308 24.05 -1.46 4.15
N ASP A 309 24.29 -0.76 3.04
CA ASP A 309 23.32 -0.64 1.97
C ASP A 309 22.91 -2.05 1.48
N PHE A 310 21.60 -2.23 1.27
CA PHE A 310 21.05 -3.53 0.91
C PHE A 310 21.52 -3.99 -0.47
N VAL A 311 21.45 -3.04 -1.43
CA VAL A 311 21.79 -3.26 -2.83
C VAL A 311 23.30 -3.44 -3.01
N THR A 312 24.08 -2.43 -2.61
CA THR A 312 25.51 -2.38 -2.90
C THR A 312 26.37 -3.08 -1.88
N GLY A 313 25.95 -3.19 -0.62
CA GLY A 313 26.86 -3.69 0.44
C GLY A 313 27.84 -2.67 1.04
N GLN A 314 28.07 -1.55 0.33
CA GLN A 314 28.83 -0.39 0.84
C GLN A 314 28.19 0.22 2.10
N ALA A 315 28.99 0.89 2.91
CA ALA A 315 28.51 1.57 4.10
C ALA A 315 27.69 2.79 3.68
N CYS A 316 26.66 3.11 4.46
CA CYS A 316 25.81 4.26 4.18
C CYS A 316 25.21 4.83 5.46
N LEU A 317 24.82 6.11 5.41
CA LEU A 317 24.23 6.78 6.55
C LEU A 317 22.77 7.13 6.31
N VAL A 318 21.88 6.56 7.08
CA VAL A 318 20.46 6.70 6.84
C VAL A 318 19.71 6.99 8.09
N PRO A 319 19.48 8.24 8.38
CA PRO A 319 18.79 8.57 9.60
C PRO A 319 17.29 8.33 9.60
N LEU A 320 16.86 7.09 9.80
CA LEU A 320 15.47 6.72 9.74
C LEU A 320 15.07 5.92 10.94
N ALA A 321 13.84 6.06 11.40
CA ALA A 321 13.39 5.57 12.71
C ALA A 321 13.09 4.12 12.74
N GLY A 322 12.58 3.63 11.60
CA GLY A 322 12.23 2.25 11.45
C GLY A 322 13.43 1.36 11.65
N PRO A 323 14.51 1.54 10.83
CA PRO A 323 15.76 0.81 11.16
C PRO A 323 16.25 1.04 12.62
N ALA A 324 16.22 2.28 13.11
CA ALA A 324 16.69 2.51 14.49
C ALA A 324 15.93 1.60 15.47
N ASN A 325 14.59 1.62 15.40
CA ASN A 325 13.80 0.80 16.32
C ASN A 325 14.17 -0.65 16.21
N ARG A 326 14.31 -1.14 14.98
CA ARG A 326 14.42 -2.56 14.78
C ARG A 326 15.79 -3.00 15.14
N GLN A 327 16.79 -2.14 14.92
CA GLN A 327 18.18 -2.34 15.38
C GLN A 327 18.28 -2.41 16.87
N GLY A 328 17.64 -1.44 17.51
CA GLY A 328 17.58 -1.39 18.95
C GLY A 328 16.99 -2.64 19.54
N ARG A 329 15.93 -3.19 18.94
CA ARG A 329 15.36 -4.43 19.48
C ARG A 329 16.35 -5.60 19.29
N MET A 330 17.00 -5.62 18.12
CA MET A 330 17.98 -6.67 17.79
C MET A 330 19.17 -6.61 18.72
N ALA A 331 19.51 -5.40 19.17
CA ALA A 331 20.68 -5.22 20.00
C ALA A 331 20.39 -5.87 21.34
N ALA A 332 19.19 -5.67 21.87
CA ALA A 332 18.74 -6.40 23.08
C ALA A 332 18.98 -7.87 22.85
N ASP A 333 18.45 -8.40 21.75
CA ASP A 333 18.54 -9.80 21.41
C ASP A 333 19.97 -10.32 21.50
N ASN A 334 20.88 -9.55 20.93
CA ASN A 334 22.27 -9.94 20.97
C ASN A 334 22.90 -9.77 22.34
N MET A 335 22.44 -8.81 23.13
CA MET A 335 22.95 -8.73 24.51
C MET A 335 22.74 -10.06 25.30
N PHE A 336 21.70 -10.80 24.91
CA PHE A 336 21.40 -12.07 25.54
C PHE A 336 21.85 -13.22 24.65
N GLY A 337 22.81 -12.90 23.79
CA GLY A 337 23.53 -13.86 23.01
C GLY A 337 22.73 -14.51 21.91
N ARG A 338 21.75 -13.81 21.35
CA ARG A 338 20.93 -14.45 20.31
C ARG A 338 21.59 -14.53 18.92
N GLU A 339 22.66 -13.75 18.74
CA GLU A 339 23.46 -13.75 17.51
C GLU A 339 22.63 -13.54 16.29
N GLU A 340 21.75 -12.53 16.31
CA GLU A 340 20.94 -12.16 15.18
C GLU A 340 21.70 -11.12 14.36
N ARG A 341 21.57 -11.17 13.02
CA ARG A 341 22.18 -10.20 12.11
C ARG A 341 21.16 -9.30 11.40
N TYR A 342 21.54 -8.03 11.30
CA TYR A 342 20.77 -7.07 10.61
C TYR A 342 21.07 -7.06 9.09
N GLN A 343 20.01 -6.97 8.29
CA GLN A 343 20.07 -7.34 6.89
C GLN A 343 20.22 -6.17 5.89
N GLY A 344 20.91 -5.10 6.29
CA GLY A 344 21.06 -3.96 5.41
C GLY A 344 19.86 -3.01 5.32
N THR A 345 20.14 -1.77 4.89
CA THR A 345 19.16 -0.71 4.83
C THR A 345 18.89 -0.40 3.35
N GLN A 346 17.62 -0.36 2.97
CA GLN A 346 17.27 -0.04 1.61
C GLN A 346 17.14 1.46 1.44
N GLY A 347 17.01 2.16 2.56
CA GLY A 347 16.78 3.58 2.58
C GLY A 347 15.39 3.97 2.11
N THR A 348 14.45 3.07 2.39
CA THR A 348 13.02 3.30 2.11
C THR A 348 12.66 4.64 2.77
N ALA A 349 12.15 5.61 2.03
CA ALA A 349 11.65 6.84 2.69
C ALA A 349 10.39 7.35 2.03
N ILE A 350 9.65 8.20 2.75
CA ILE A 350 8.55 8.99 2.18
C ILE A 350 8.39 10.36 2.90
N CYS A 351 7.91 11.36 2.17
CA CYS A 351 7.70 12.68 2.71
C CYS A 351 6.49 13.32 2.11
N LYS A 352 5.71 13.99 2.93
CA LYS A 352 4.55 14.67 2.45
C LYS A 352 4.91 16.00 1.93
N VAL A 353 4.29 16.45 0.88
CA VAL A 353 4.64 17.71 0.34
C VAL A 353 3.38 18.31 -0.13
N PHE A 354 2.75 19.08 0.72
CA PHE A 354 1.43 19.55 0.43
C PHE A 354 0.55 18.39 -0.04
N ASP A 355 0.10 18.39 -1.27
CA ASP A 355 -0.86 17.39 -1.69
C ASP A 355 -0.23 16.12 -2.22
N LEU A 356 1.08 16.09 -2.19
CA LEU A 356 1.88 15.06 -2.85
C LEU A 356 2.48 14.14 -1.84
N ALA A 357 2.91 12.98 -2.26
CA ALA A 357 3.82 12.25 -1.41
C ALA A 357 4.95 11.95 -2.32
N VAL A 358 6.16 12.17 -1.85
CA VAL A 358 7.34 11.72 -2.57
C VAL A 358 8.01 10.65 -1.78
N GLY A 359 8.13 9.44 -2.35
CA GLY A 359 8.91 8.37 -1.69
C GLY A 359 9.88 7.55 -2.55
N ALA A 360 10.68 6.70 -1.92
CA ALA A 360 11.69 5.95 -2.66
C ALA A 360 12.22 4.83 -1.85
N THR A 361 12.81 3.86 -2.54
CA THR A 361 13.49 2.82 -1.83
C THR A 361 14.70 2.43 -2.67
N GLY A 362 15.69 1.82 -2.04
CA GLY A 362 16.79 1.24 -2.78
C GLY A 362 17.65 2.39 -3.25
N LYS A 363 18.14 2.31 -4.48
CA LYS A 363 19.14 3.22 -5.04
C LYS A 363 18.64 4.16 -6.13
N ASN A 364 19.18 5.38 -6.17
CA ASN A 364 18.79 6.29 -7.25
C ASN A 364 19.78 6.42 -8.41
N GLU A 365 19.37 7.19 -9.45
CA GLU A 365 20.15 7.33 -10.69
C GLU A 365 21.49 7.99 -10.33
N LYS A 366 21.44 9.09 -9.62
CA LYS A 366 22.64 9.67 -9.02
C LYS A 366 23.57 8.62 -8.40
N GLN A 367 23.09 7.79 -7.49
CA GLN A 367 24.01 6.94 -6.71
C GLN A 367 24.51 5.78 -7.53
N LEU A 368 23.69 5.34 -8.49
CA LEU A 368 24.09 4.25 -9.33
C LEU A 368 25.17 4.69 -10.32
N LYS A 369 25.02 5.91 -10.89
CA LYS A 369 26.10 6.42 -11.75
C LYS A 369 27.41 6.52 -10.96
N GLN A 370 27.38 7.22 -9.83
CA GLN A 370 28.60 7.54 -9.11
C GLN A 370 29.23 6.30 -8.48
N ALA A 371 28.61 5.13 -8.67
CA ALA A 371 29.26 3.87 -8.26
C ALA A 371 29.61 2.94 -9.45
N GLY A 372 29.39 3.45 -10.66
CA GLY A 372 29.62 2.74 -11.90
C GLY A 372 28.88 1.43 -12.06
N ILE A 373 27.72 1.30 -11.40
CA ILE A 373 26.74 0.23 -11.68
C ILE A 373 25.89 0.55 -12.91
N ALA A 374 26.03 -0.24 -13.96
CA ALA A 374 25.21 -0.08 -15.17
C ALA A 374 23.75 -0.38 -14.80
N PHE A 375 22.83 0.42 -15.30
CA PHE A 375 21.44 0.25 -14.96
C PHE A 375 20.65 0.71 -16.12
N GLU A 376 19.38 0.33 -16.10
CA GLU A 376 18.34 0.95 -16.92
C GLU A 376 17.14 1.30 -16.01
N LYS A 377 16.27 2.14 -16.56
CA LYS A 377 15.19 2.70 -15.81
C LYS A 377 13.97 2.87 -16.69
N VAL A 378 12.82 2.94 -16.05
CA VAL A 378 11.60 3.01 -16.76
C VAL A 378 10.71 4.04 -16.03
N TYR A 379 9.69 4.57 -16.71
CA TYR A 379 8.77 5.52 -16.08
C TYR A 379 7.38 5.11 -16.44
N VAL A 380 6.46 5.11 -15.48
CA VAL A 380 5.04 5.13 -15.85
C VAL A 380 4.24 6.18 -15.08
N HIS A 381 3.13 6.60 -15.66
CA HIS A 381 2.26 7.58 -15.08
C HIS A 381 0.86 7.03 -15.06
N THR A 382 0.61 6.06 -14.19
CA THR A 382 -0.66 5.39 -14.33
C THR A 382 -1.53 5.72 -13.11
N ALA A 383 -2.85 5.75 -13.33
CA ALA A 383 -3.84 6.03 -12.29
C ALA A 383 -3.65 5.21 -10.98
N SER A 384 -3.75 5.87 -9.84
CA SER A 384 -3.66 5.20 -8.57
C SER A 384 -4.69 4.05 -8.44
N HIS A 385 -5.90 4.23 -8.98
CA HIS A 385 -6.93 3.19 -8.95
C HIS A 385 -7.72 3.25 -10.26
N ALA A 386 -8.64 2.31 -10.51
CA ALA A 386 -9.38 2.29 -11.78
C ALA A 386 -9.96 3.62 -12.11
N SER A 387 -9.50 4.07 -13.26
CA SER A 387 -9.74 5.39 -13.76
C SER A 387 -11.24 5.74 -13.86
N TYR A 388 -12.09 4.74 -14.08
CA TYR A 388 -13.54 4.96 -14.17
C TYR A 388 -14.26 5.26 -12.82
N TYR A 389 -13.53 5.10 -11.71
CA TYR A 389 -14.03 5.35 -10.37
C TYR A 389 -13.48 6.73 -9.92
N PRO A 390 -14.30 7.55 -9.23
CA PRO A 390 -13.71 8.89 -9.03
C PRO A 390 -12.63 8.90 -7.97
N GLY A 391 -11.66 9.83 -8.09
CA GLY A 391 -10.60 9.99 -7.11
C GLY A 391 -9.30 9.29 -7.44
N ALA A 392 -9.14 8.89 -8.71
CA ALA A 392 -7.87 8.34 -9.21
C ALA A 392 -6.90 9.51 -9.29
N GLU A 393 -5.66 9.30 -8.90
CA GLU A 393 -4.66 10.31 -9.13
C GLU A 393 -3.50 9.68 -9.90
N VAL A 394 -2.76 10.46 -10.69
CA VAL A 394 -1.67 9.91 -11.50
C VAL A 394 -0.53 9.58 -10.57
N VAL A 395 -0.11 8.31 -10.54
CA VAL A 395 1.11 7.91 -9.85
C VAL A 395 2.22 8.02 -10.87
N SER A 396 3.19 8.86 -10.63
CA SER A 396 4.38 8.89 -11.44
C SER A 396 5.45 8.05 -10.68
N PHE A 397 6.06 7.07 -11.34
CA PHE A 397 6.82 6.04 -10.65
C PHE A 397 8.01 5.64 -11.50
N LYS A 398 9.21 5.74 -10.95
CA LYS A 398 10.40 5.36 -11.68
C LYS A 398 10.88 4.03 -11.12
N LEU A 399 11.32 3.11 -11.97
CA LEU A 399 11.88 1.87 -11.48
C LEU A 399 13.27 1.77 -12.09
N LEU A 400 14.27 1.46 -11.27
CA LEU A 400 15.64 1.30 -11.73
C LEU A 400 16.06 -0.14 -11.51
N PHE A 401 16.69 -0.71 -12.54
CA PHE A 401 17.00 -2.13 -12.56
C PHE A 401 18.21 -2.52 -13.41
N ASP A 402 18.74 -3.72 -13.19
CA ASP A 402 19.76 -4.32 -14.08
C ASP A 402 19.18 -4.79 -15.45
N PRO A 403 19.57 -4.07 -16.52
CA PRO A 403 19.01 -4.30 -17.86
C PRO A 403 19.22 -5.73 -18.34
N VAL A 404 20.05 -6.49 -17.64
CA VAL A 404 20.33 -7.81 -18.11
C VAL A 404 19.82 -8.83 -17.12
N LYS A 405 20.37 -8.80 -15.90
CA LYS A 405 19.99 -9.76 -14.85
C LYS A 405 18.59 -9.52 -14.26
N GLY A 406 18.01 -8.34 -14.52
CA GLY A 406 16.68 -8.00 -14.04
C GLY A 406 16.61 -7.42 -12.62
N THR A 407 17.74 -7.41 -11.91
CA THR A 407 17.83 -6.91 -10.54
C THR A 407 17.08 -5.59 -10.29
N ILE A 408 16.42 -5.49 -9.15
CA ILE A 408 15.76 -4.26 -8.79
C ILE A 408 16.71 -3.39 -7.97
N PHE A 409 17.06 -2.24 -8.54
CA PHE A 409 17.97 -1.30 -7.86
C PHE A 409 17.26 -0.33 -6.89
N GLY A 410 16.22 0.33 -7.38
CA GLY A 410 15.54 1.37 -6.59
C GLY A 410 14.21 1.51 -7.23
N ALA A 411 13.27 2.19 -6.58
CA ALA A 411 12.11 2.74 -7.28
C ALA A 411 11.81 4.04 -6.61
N GLN A 412 11.09 4.92 -7.31
CA GLN A 412 10.60 6.15 -6.71
C GLN A 412 9.17 6.46 -7.17
N ALA A 413 8.43 7.22 -6.39
CA ALA A 413 7.05 7.54 -6.75
C ALA A 413 6.60 8.87 -6.20
N VAL A 414 6.02 9.71 -7.09
CA VAL A 414 5.36 10.97 -6.70
C VAL A 414 3.90 10.96 -7.17
N GLY A 415 2.98 11.37 -6.30
CA GLY A 415 1.59 11.46 -6.68
C GLY A 415 0.72 11.96 -5.56
N LYS A 416 -0.54 12.22 -5.86
CA LYS A 416 -1.54 12.58 -4.85
C LYS A 416 -2.08 11.42 -4.03
N ASP A 417 -2.01 10.20 -4.58
CA ASP A 417 -2.68 9.05 -4.00
C ASP A 417 -1.92 7.74 -4.23
N GLY A 418 -1.87 6.91 -3.17
CA GLY A 418 -1.38 5.53 -3.25
C GLY A 418 0.12 5.35 -3.47
N ILE A 419 0.93 6.30 -2.98
CA ILE A 419 2.40 6.32 -3.15
C ILE A 419 3.09 5.40 -2.15
N ASP A 420 2.68 5.53 -0.87
CA ASP A 420 3.14 4.63 0.19
C ASP A 420 2.88 3.17 -0.16
N LYS A 421 1.72 2.87 -0.75
CA LYS A 421 1.41 1.52 -1.16
C LYS A 421 2.45 1.06 -2.15
N ARG A 422 2.77 1.90 -3.12
CA ARG A 422 3.66 1.42 -4.16
C ARG A 422 5.13 1.26 -3.76
N ILE A 423 5.60 2.05 -2.80
CA ILE A 423 6.99 2.03 -2.36
C ILE A 423 7.14 0.83 -1.46
N ASP A 424 6.11 0.47 -0.70
CA ASP A 424 6.15 -0.76 0.10
C ASP A 424 6.14 -2.05 -0.74
N VAL A 425 5.20 -2.16 -1.69
CA VAL A 425 5.25 -3.28 -2.60
C VAL A 425 6.72 -3.41 -3.11
N MET A 426 7.32 -2.28 -3.45
CA MET A 426 8.64 -2.37 -4.00
C MET A 426 9.74 -2.76 -2.98
N ALA A 427 9.69 -2.16 -1.83
CA ALA A 427 10.58 -2.46 -0.80
C ALA A 427 10.55 -3.89 -0.42
N VAL A 428 9.41 -4.55 -0.52
CA VAL A 428 9.40 -5.95 -0.16
C VAL A 428 9.82 -6.80 -1.32
N ALA A 429 9.45 -6.37 -2.50
CA ALA A 429 9.86 -6.98 -3.72
C ALA A 429 11.34 -7.04 -3.84
N GLN A 430 12.01 -5.97 -3.49
CA GLN A 430 13.42 -5.92 -3.68
C GLN A 430 14.12 -6.58 -2.57
N ARG A 431 13.58 -6.52 -1.39
CA ARG A 431 14.20 -7.24 -0.31
C ARG A 431 14.03 -8.75 -0.52
N ALA A 432 12.94 -9.15 -1.11
CA ALA A 432 12.74 -10.57 -1.28
C ALA A 432 13.59 -11.10 -2.43
N GLY A 433 14.35 -10.23 -3.13
CA GLY A 433 15.17 -10.68 -4.25
C GLY A 433 14.33 -11.01 -5.47
N MET A 434 13.22 -10.31 -5.68
CA MET A 434 12.51 -10.35 -6.94
C MET A 434 13.20 -9.54 -8.03
N THR A 435 12.96 -9.92 -9.27
CA THR A 435 13.52 -9.23 -10.42
C THR A 435 12.38 -8.74 -11.30
N VAL A 436 12.65 -7.76 -12.15
CA VAL A 436 11.55 -7.11 -12.81
C VAL A 436 10.65 -8.12 -13.55
N GLU A 437 11.21 -9.16 -14.15
CA GLU A 437 10.33 -10.06 -14.89
C GLU A 437 9.34 -10.76 -13.99
N GLN A 438 9.73 -11.00 -12.75
CA GLN A 438 8.82 -11.62 -11.80
C GLN A 438 7.74 -10.62 -11.33
N LEU A 439 8.06 -9.33 -11.30
CA LEU A 439 7.09 -8.28 -10.90
C LEU A 439 5.86 -8.37 -11.76
N GLN A 440 6.03 -8.75 -13.03
CA GLN A 440 4.93 -8.86 -13.96
C GLN A 440 3.80 -9.72 -13.42
N HIS A 441 4.14 -10.68 -12.58
CA HIS A 441 3.20 -11.73 -12.13
C HIS A 441 2.54 -11.44 -10.78
N LEU A 442 2.82 -10.26 -10.25
CA LEU A 442 2.22 -9.79 -9.01
C LEU A 442 0.70 -9.71 -9.17
N GLU A 443 -0.02 -10.00 -8.10
CA GLU A 443 -1.44 -10.12 -8.11
C GLU A 443 -1.88 -9.31 -6.89
N LEU A 444 -2.24 -8.05 -7.13
CA LEU A 444 -2.52 -7.11 -6.01
C LEU A 444 -4.03 -6.85 -5.94
N SER A 445 -4.50 -5.99 -5.04
CA SER A 445 -5.92 -5.97 -4.78
C SER A 445 -6.62 -5.02 -5.72
N TYR A 446 -7.53 -5.54 -6.51
CA TYR A 446 -8.30 -4.70 -7.36
C TYR A 446 -9.78 -4.73 -7.08
N ALA A 447 -10.25 -3.65 -6.48
CA ALA A 447 -11.68 -3.27 -6.47
C ALA A 447 -11.63 -1.83 -6.95
N PRO A 448 -12.70 -1.38 -7.60
CA PRO A 448 -12.59 -0.07 -8.22
C PRO A 448 -12.10 1.05 -7.27
N PRO A 449 -12.46 1.00 -5.97
CA PRO A 449 -11.93 2.11 -5.15
C PRO A 449 -10.56 1.88 -4.56
N TYR A 450 -9.93 0.74 -4.80
CA TYR A 450 -8.63 0.55 -4.16
C TYR A 450 -7.46 0.31 -5.10
N GLY A 451 -7.73 -0.10 -6.33
CA GLY A 451 -6.66 -0.50 -7.26
C GLY A 451 -7.12 -0.62 -8.71
N SER A 452 -6.29 -1.26 -9.54
CA SER A 452 -6.68 -1.44 -10.93
C SER A 452 -6.46 -2.82 -11.53
N ALA A 453 -6.92 -3.06 -12.76
CA ALA A 453 -6.87 -4.42 -13.31
C ALA A 453 -5.39 -4.86 -13.32
N LYS A 454 -4.56 -3.96 -13.82
CA LYS A 454 -3.12 -4.05 -13.78
C LYS A 454 -2.66 -2.84 -13.01
N ASP A 455 -1.89 -3.09 -11.94
CA ASP A 455 -1.40 -2.01 -11.09
C ASP A 455 -0.11 -1.40 -11.62
N VAL A 456 0.10 -0.12 -11.35
CA VAL A 456 1.30 0.57 -11.80
C VAL A 456 2.51 -0.35 -11.71
N ILE A 457 2.57 -1.15 -10.65
CA ILE A 457 3.66 -2.10 -10.47
C ILE A 457 3.68 -3.14 -11.59
N ASN A 458 2.49 -3.47 -12.09
CA ASN A 458 2.38 -4.44 -13.17
C ASN A 458 2.79 -3.78 -14.48
N GLN A 459 2.33 -2.55 -14.70
CA GLN A 459 2.69 -1.80 -15.93
C GLN A 459 4.19 -1.44 -15.93
N ALA A 460 4.74 -1.06 -14.79
CA ALA A 460 6.18 -0.77 -14.83
C ALA A 460 6.89 -2.06 -15.25
N ALA A 461 6.43 -3.19 -14.70
CA ALA A 461 7.04 -4.46 -14.90
C ALA A 461 7.08 -4.80 -16.40
N PHE A 462 5.93 -4.75 -17.07
CA PHE A 462 5.84 -4.98 -18.52
C PHE A 462 6.79 -4.08 -19.27
N VAL A 463 6.85 -2.81 -18.91
CA VAL A 463 7.66 -1.84 -19.67
C VAL A 463 9.15 -2.15 -19.54
N ALA A 464 9.64 -2.38 -18.32
CA ALA A 464 11.04 -2.75 -18.16
C ALA A 464 11.34 -4.07 -18.86
N SER A 465 10.40 -5.03 -18.76
CA SER A 465 10.56 -6.36 -19.33
C SER A 465 10.64 -6.31 -20.84
N ASN A 466 9.75 -5.54 -21.48
CA ASN A 466 9.82 -5.33 -22.94
C ASN A 466 11.19 -4.81 -23.39
N ILE A 467 11.79 -4.00 -22.52
CA ILE A 467 13.10 -3.45 -22.79
C ILE A 467 14.16 -4.52 -22.59
N ILE A 468 14.07 -5.33 -21.54
CA ILE A 468 15.04 -6.42 -21.35
C ILE A 468 14.97 -7.48 -22.49
N LYS A 469 13.78 -7.73 -23.03
CA LYS A 469 13.59 -8.79 -24.00
C LYS A 469 13.87 -8.30 -25.39
N GLY A 470 14.04 -7.00 -25.58
CA GLY A 470 14.25 -6.44 -26.93
C GLY A 470 12.95 -6.10 -27.64
N ASP A 471 11.83 -6.18 -26.91
CA ASP A 471 10.49 -5.94 -27.45
C ASP A 471 10.13 -4.44 -27.44
N ALA A 472 10.96 -3.64 -26.78
CA ALA A 472 10.85 -2.17 -26.84
C ALA A 472 12.25 -1.58 -26.87
N THR A 473 12.37 -0.31 -27.28
CA THR A 473 13.70 0.31 -27.35
C THR A 473 13.62 1.71 -26.84
N PRO A 474 14.17 1.95 -25.64
CA PRO A 474 14.04 3.23 -24.94
C PRO A 474 14.81 4.34 -25.62
N ILE A 475 14.30 5.55 -25.50
CA ILE A 475 15.11 6.74 -25.53
C ILE A 475 14.65 7.53 -24.30
N HIS A 476 15.52 8.33 -23.68
CA HIS A 476 15.13 9.02 -22.46
C HIS A 476 14.92 10.52 -22.55
N PHE A 477 14.29 11.09 -21.52
CA PHE A 477 14.05 12.54 -21.51
C PHE A 477 15.33 13.40 -21.79
N ASP A 478 16.53 12.92 -21.42
CA ASP A 478 17.71 13.75 -21.68
C ASP A 478 18.50 13.53 -22.96
N GLN A 479 18.01 12.67 -23.84
CA GLN A 479 18.75 12.35 -25.06
C GLN A 479 17.99 12.85 -26.27
N ILE A 480 16.76 13.31 -26.06
CA ILE A 480 15.87 13.67 -27.15
C ILE A 480 16.09 15.10 -27.72
N ASP A 481 16.82 15.92 -26.98
CA ASP A 481 17.04 17.31 -27.42
C ASP A 481 18.24 17.45 -28.37
N ASN A 482 19.13 16.45 -28.34
CA ASN A 482 20.25 16.29 -29.28
C ASN A 482 19.89 15.15 -30.20
N LEU A 483 19.39 15.46 -31.39
CA LEU A 483 18.97 14.40 -32.29
C LEU A 483 19.74 14.37 -33.60
N SER A 484 20.27 13.18 -33.93
CA SER A 484 21.09 12.97 -35.14
C SER A 484 20.33 13.25 -36.45
N GLU A 485 21.03 13.17 -37.55
CA GLU A 485 20.41 13.48 -38.84
C GLU A 485 19.77 12.23 -39.47
N ASP A 486 20.02 11.04 -38.91
CA ASP A 486 19.22 9.90 -39.35
C ASP A 486 18.11 9.49 -38.35
N GLN A 487 17.57 10.52 -37.68
CA GLN A 487 16.53 10.39 -36.68
C GLN A 487 15.38 11.40 -36.94
N LEU A 488 14.14 10.90 -37.03
CA LEU A 488 12.90 11.70 -37.19
C LEU A 488 12.04 11.67 -35.93
N LEU A 489 11.49 12.83 -35.56
CA LEU A 489 10.73 12.95 -34.33
C LEU A 489 9.23 12.83 -34.63
N LEU A 490 8.56 11.89 -33.96
CA LEU A 490 7.14 11.66 -34.19
C LEU A 490 6.32 11.91 -32.95
N ASP A 491 5.38 12.84 -33.04
CA ASP A 491 4.41 13.05 -31.97
C ASP A 491 3.09 12.25 -32.27
N VAL A 492 2.82 11.18 -31.51
CA VAL A 492 1.60 10.40 -31.78
C VAL A 492 0.35 10.79 -30.98
N ARG A 493 0.38 11.94 -30.32
CA ARG A 493 -0.75 12.47 -29.59
C ARG A 493 -1.73 13.03 -30.60
N ASN A 494 -2.96 13.34 -30.17
CA ASN A 494 -3.90 14.04 -31.05
C ASN A 494 -3.49 15.53 -31.17
N PRO A 495 -3.93 16.23 -32.24
CA PRO A 495 -3.51 17.64 -32.46
C PRO A 495 -3.94 18.60 -31.32
N GLY A 496 -5.16 18.41 -30.80
CA GLY A 496 -5.62 19.15 -29.63
C GLY A 496 -4.68 19.13 -28.43
N GLU A 497 -3.70 18.23 -28.43
CA GLU A 497 -2.83 18.10 -27.27
C GLU A 497 -1.55 18.90 -27.40
N LEU A 498 -1.26 19.38 -28.59
CA LEU A 498 0.03 20.07 -28.80
C LEU A 498 0.16 21.40 -28.02
N GLN A 499 -0.97 22.07 -27.79
CA GLN A 499 -1.03 23.35 -27.04
C GLN A 499 -0.53 23.27 -25.61
N ASN A 500 -0.31 22.06 -25.11
CA ASN A 500 0.04 21.88 -23.69
C ASN A 500 1.55 21.76 -23.56
N GLY A 501 2.20 21.67 -24.73
CA GLY A 501 3.65 21.55 -24.81
C GLY A 501 4.02 20.43 -25.77
N GLY A 502 5.13 20.61 -26.45
CA GLY A 502 5.61 19.66 -27.42
C GLY A 502 7.10 19.80 -27.63
N LEU A 503 7.63 19.13 -28.64
CA LEU A 503 9.01 19.34 -29.00
C LEU A 503 9.09 19.97 -30.38
N GLU A 504 10.04 20.89 -30.54
CA GLU A 504 10.19 21.62 -31.79
C GLU A 504 10.37 20.68 -32.99
N GLY A 505 9.72 21.04 -34.09
CA GLY A 505 9.84 20.33 -35.36
C GLY A 505 9.51 18.83 -35.39
N ALA A 506 8.54 18.39 -34.58
CA ALA A 506 8.15 16.98 -34.55
C ALA A 506 7.10 16.80 -35.62
N VAL A 507 7.00 15.64 -36.25
CA VAL A 507 5.91 15.37 -37.16
C VAL A 507 4.75 14.80 -36.39
N ASN A 508 3.54 15.18 -36.73
CA ASN A 508 2.40 14.72 -35.99
C ASN A 508 1.48 13.83 -36.77
N ILE A 509 1.62 12.55 -36.53
CA ILE A 509 0.64 11.56 -36.94
C ILE A 509 0.11 10.94 -35.65
N PRO A 510 -1.18 11.13 -35.32
CA PRO A 510 -1.79 10.46 -34.16
C PRO A 510 -1.80 8.93 -34.27
N VAL A 511 -1.42 8.22 -33.21
CA VAL A 511 -1.45 6.76 -33.18
C VAL A 511 -2.62 6.13 -33.93
N ASP A 512 -3.85 6.56 -33.71
CA ASP A 512 -5.01 5.86 -34.31
C ASP A 512 -5.12 6.04 -35.78
N GLU A 513 -4.23 6.81 -36.34
CA GLU A 513 -4.21 6.99 -37.76
C GLU A 513 -2.94 6.51 -38.38
N LEU A 514 -2.09 5.87 -37.63
CA LEU A 514 -0.76 5.58 -38.09
C LEU A 514 -0.69 4.46 -39.06
N ARG A 515 -1.43 3.41 -38.79
CA ARG A 515 -1.39 2.25 -39.63
C ARG A 515 -1.72 2.64 -41.02
N ASP A 516 -2.60 3.60 -41.15
CA ASP A 516 -3.11 3.96 -42.43
C ASP A 516 -2.18 4.93 -43.10
N ARG A 517 -1.47 5.68 -42.31
CA ARG A 517 -0.59 6.76 -42.82
C ARG A 517 0.91 6.45 -42.71
N MET A 518 1.24 5.20 -42.42
CA MET A 518 2.62 4.82 -42.24
C MET A 518 3.56 5.26 -43.39
N HIS A 519 3.06 5.20 -44.62
CA HIS A 519 3.90 5.39 -45.81
C HIS A 519 4.40 6.84 -45.87
N GLU A 520 3.82 7.69 -45.02
CA GLU A 520 4.30 9.07 -44.81
C GLU A 520 5.65 9.17 -44.14
N LEU A 521 6.12 8.11 -43.48
CA LEU A 521 7.40 8.13 -42.77
C LEU A 521 8.43 7.35 -43.55
N PRO A 522 9.65 7.92 -43.73
CA PRO A 522 10.70 7.21 -44.51
C PRO A 522 11.38 6.08 -43.73
N LYS A 523 11.27 4.86 -44.24
CA LYS A 523 11.97 3.71 -43.68
C LYS A 523 13.52 3.93 -43.56
N ASP A 524 14.07 4.96 -44.19
CA ASP A 524 15.53 5.17 -44.09
C ASP A 524 15.91 6.00 -42.86
N LYS A 525 14.90 6.54 -42.19
CA LYS A 525 15.15 7.24 -40.93
C LYS A 525 14.79 6.40 -39.64
N GLU A 526 15.50 6.64 -38.52
CA GLU A 526 15.13 6.02 -37.20
C GLU A 526 14.03 6.86 -36.52
N ILE A 527 12.88 6.23 -36.24
CA ILE A 527 11.74 7.00 -35.71
C ILE A 527 11.70 7.12 -34.18
N ILE A 528 11.67 8.38 -33.74
CA ILE A 528 11.77 8.70 -32.34
C ILE A 528 10.41 9.21 -31.87
N ILE A 529 9.79 8.46 -30.96
CA ILE A 529 8.35 8.52 -30.77
C ILE A 529 7.93 8.98 -29.39
N PHE A 530 6.94 9.88 -29.30
CA PHE A 530 6.54 10.30 -27.98
C PHE A 530 5.05 10.52 -27.85
N CYS A 531 4.47 9.93 -26.82
CA CYS A 531 3.09 10.04 -26.43
C CYS A 531 3.09 11.07 -25.35
N GLN A 532 2.09 11.05 -24.50
CA GLN A 532 2.03 11.97 -23.42
C GLN A 532 2.70 11.37 -22.25
N VAL A 533 2.48 10.08 -22.07
CA VAL A 533 3.02 9.34 -20.90
C VAL A 533 3.82 8.06 -21.17
N GLY A 534 4.06 7.72 -22.44
CA GLY A 534 4.72 6.46 -22.75
C GLY A 534 3.90 5.41 -23.51
N LEU A 535 2.59 5.39 -23.28
CA LEU A 535 1.74 4.22 -23.54
C LEU A 535 1.28 4.07 -24.99
N ARG A 536 0.72 5.14 -25.53
CA ARG A 536 0.45 5.25 -26.98
C ARG A 536 1.75 5.12 -27.74
N GLY A 537 2.80 5.70 -27.18
CA GLY A 537 4.10 5.67 -27.82
C GLY A 537 4.53 4.25 -28.12
N ASN A 538 4.24 3.35 -27.19
CA ASN A 538 4.66 1.97 -27.31
C ASN A 538 3.79 1.22 -28.35
N VAL A 539 2.50 1.59 -28.45
CA VAL A 539 1.67 1.11 -29.58
C VAL A 539 2.31 1.43 -30.97
N ALA A 540 2.67 2.69 -31.15
CA ALA A 540 3.36 3.16 -32.35
C ALA A 540 4.68 2.45 -32.64
N TYR A 541 5.52 2.34 -31.61
CA TYR A 541 6.76 1.63 -31.74
C TYR A 541 6.52 0.21 -32.24
N ARG A 542 5.45 -0.44 -31.79
CA ARG A 542 5.24 -1.82 -32.18
C ARG A 542 4.76 -1.87 -33.62
N GLN A 543 3.83 -0.98 -33.97
CA GLN A 543 3.41 -0.86 -35.35
C GLN A 543 4.61 -0.76 -36.31
N LEU A 544 5.56 0.08 -35.92
CA LEU A 544 6.69 0.44 -36.76
C LEU A 544 7.75 -0.66 -36.88
N VAL A 545 8.28 -1.15 -35.74
CA VAL A 545 9.28 -2.22 -35.83
C VAL A 545 8.61 -3.37 -36.55
N ASN A 546 7.35 -3.66 -36.23
CA ASN A 546 6.69 -4.75 -36.92
C ASN A 546 6.72 -4.62 -38.43
N ASN A 547 6.76 -3.39 -38.94
CA ASN A 547 6.90 -3.15 -40.38
C ASN A 547 8.35 -2.85 -40.81
N GLY A 548 9.30 -3.15 -39.94
CA GLY A 548 10.70 -3.10 -40.28
C GLY A 548 11.33 -1.73 -40.20
N TYR A 549 10.74 -0.84 -39.42
CA TYR A 549 11.36 0.44 -39.16
C TYR A 549 12.29 0.26 -37.98
N ARG A 550 13.41 0.99 -37.95
CA ARG A 550 14.15 1.16 -36.66
C ARG A 550 13.37 2.24 -35.88
N ALA A 551 13.21 2.07 -34.58
CA ALA A 551 12.45 3.08 -33.79
C ALA A 551 12.91 3.16 -32.37
N ARG A 552 12.60 4.26 -31.71
CA ARG A 552 12.73 4.32 -30.28
C ARG A 552 11.53 5.05 -29.67
N ASN A 553 11.24 4.73 -28.43
CA ASN A 553 10.08 5.30 -27.75
C ASN A 553 10.56 6.14 -26.55
N LEU A 554 9.98 7.31 -26.36
CA LEU A 554 10.42 8.22 -25.31
C LEU A 554 9.85 7.68 -24.00
N ILE A 555 10.72 7.12 -23.17
CA ILE A 555 10.21 6.53 -21.95
C ILE A 555 9.66 7.60 -21.04
N GLY A 556 8.48 7.29 -20.54
CA GLY A 556 7.78 8.12 -19.59
C GLY A 556 7.11 9.33 -20.20
N GLY A 557 7.28 9.50 -21.51
CA GLY A 557 6.56 10.51 -22.28
C GLY A 557 6.87 11.97 -22.10
N TYR A 558 6.08 12.80 -22.77
CA TYR A 558 6.25 14.22 -22.66
C TYR A 558 6.14 14.65 -21.18
N ARG A 559 5.30 13.96 -20.40
CA ARG A 559 5.19 14.25 -18.97
C ARG A 559 6.52 14.18 -18.20
N THR A 560 7.21 13.03 -18.32
CA THR A 560 8.46 12.82 -17.61
C THR A 560 9.37 13.95 -18.00
N TYR A 561 9.47 14.18 -19.31
CA TYR A 561 10.28 15.24 -19.94
C TYR A 561 9.93 16.62 -19.40
N LYS A 562 8.65 16.96 -19.47
CA LYS A 562 8.20 18.31 -19.16
C LYS A 562 8.68 18.73 -17.76
N PHE A 563 8.47 17.85 -16.80
CA PHE A 563 8.77 18.12 -15.43
C PHE A 563 10.25 17.99 -15.11
N ALA A 564 11.10 17.73 -16.12
CA ALA A 564 12.56 17.74 -15.95
C ALA A 564 13.21 19.11 -16.29
N SER A 565 12.61 19.82 -17.27
CA SER A 565 13.05 21.17 -17.73
C SER A 565 13.78 21.96 -16.63
CA MET B 1 -0.44 -15.24 -42.04
C MET B 1 -1.18 -16.04 -40.95
N LYS B 2 -0.85 -15.81 -39.69
CA LYS B 2 -1.57 -16.40 -38.53
C LYS B 2 -3.02 -15.88 -38.38
N LYS B 3 -4.00 -16.76 -38.31
CA LYS B 3 -5.38 -16.31 -38.14
C LYS B 3 -5.84 -16.59 -36.72
N ILE B 4 -6.11 -15.52 -35.97
CA ILE B 4 -6.47 -15.67 -34.59
C ILE B 4 -7.89 -15.21 -34.39
N LEU B 5 -8.73 -16.13 -33.86
CA LEU B 5 -10.12 -15.85 -33.42
C LEU B 5 -10.24 -15.83 -31.88
N ILE B 6 -10.98 -14.84 -31.36
CA ILE B 6 -11.17 -14.74 -29.93
C ILE B 6 -12.66 -14.81 -29.55
N ILE B 7 -13.04 -15.72 -28.66
CA ILE B 7 -14.41 -15.79 -28.22
C ILE B 7 -14.66 -15.04 -26.88
N GLY B 8 -15.22 -13.83 -27.01
CA GLY B 8 -15.52 -13.01 -25.83
C GLY B 8 -14.68 -11.76 -25.89
N GLY B 9 -15.22 -10.64 -25.56
CA GLY B 9 -14.46 -9.45 -25.77
C GLY B 9 -14.26 -8.52 -24.62
N VAL B 10 -14.04 -9.07 -23.44
CA VAL B 10 -13.83 -8.27 -22.26
C VAL B 10 -12.48 -8.48 -21.59
N ALA B 11 -12.45 -8.96 -20.36
CA ALA B 11 -11.20 -8.99 -19.65
C ALA B 11 -10.16 -9.89 -20.27
N GLY B 12 -10.57 -11.08 -20.69
CA GLY B 12 -9.65 -12.07 -21.27
C GLY B 12 -9.43 -11.78 -22.74
N GLY B 13 -10.52 -11.78 -23.48
CA GLY B 13 -10.49 -11.59 -24.90
C GLY B 13 -9.76 -10.36 -25.38
N ALA B 14 -10.13 -9.20 -24.84
CA ALA B 14 -9.57 -7.94 -25.32
C ALA B 14 -8.10 -7.75 -24.96
N SER B 15 -7.68 -8.27 -23.81
CA SER B 15 -6.29 -8.18 -23.41
C SER B 15 -5.46 -8.97 -24.41
N ALA B 16 -5.96 -10.18 -24.72
CA ALA B 16 -5.41 -11.03 -25.78
C ALA B 16 -5.35 -10.27 -27.10
N ALA B 17 -6.44 -9.61 -27.47
CA ALA B 17 -6.47 -9.03 -28.79
C ALA B 17 -5.45 -7.91 -28.91
N ALA B 18 -5.34 -7.06 -27.89
CA ALA B 18 -4.44 -5.94 -27.97
C ALA B 18 -3.00 -6.40 -27.89
N ARG B 19 -2.69 -7.27 -26.95
CA ARG B 19 -1.32 -7.76 -26.90
C ARG B 19 -0.89 -8.35 -28.26
N ALA B 20 -1.81 -9.12 -28.88
CA ALA B 20 -1.50 -9.88 -30.12
C ALA B 20 -1.16 -8.95 -31.29
N ARG B 21 -1.86 -7.82 -31.43
CA ARG B 21 -1.52 -6.86 -32.46
C ARG B 21 -0.11 -6.25 -32.22
N ARG B 22 0.26 -6.05 -30.96
CA ARG B 22 1.55 -5.45 -30.65
C ARG B 22 2.71 -6.41 -30.99
N LEU B 23 2.39 -7.71 -31.04
CA LEU B 23 3.36 -8.70 -31.36
C LEU B 23 3.45 -8.88 -32.88
N SER B 24 2.31 -8.93 -33.58
CA SER B 24 2.33 -9.00 -35.06
C SER B 24 1.44 -8.00 -35.78
N GLU B 25 1.96 -7.42 -36.82
CA GLU B 25 1.17 -6.62 -37.70
C GLU B 25 0.53 -7.49 -38.79
N THR B 26 1.02 -8.69 -39.04
CA THR B 26 0.49 -9.48 -40.16
C THR B 26 -0.68 -10.39 -39.81
N ALA B 27 -0.86 -10.72 -38.53
CA ALA B 27 -1.96 -11.60 -38.17
C ALA B 27 -3.36 -10.98 -38.39
N GLU B 28 -4.30 -11.79 -38.90
CA GLU B 28 -5.72 -11.48 -38.81
C GLU B 28 -6.17 -11.69 -37.42
N ILE B 29 -6.82 -10.68 -36.82
CA ILE B 29 -7.44 -10.88 -35.51
C ILE B 29 -8.94 -10.54 -35.50
N ILE B 30 -9.80 -11.53 -35.25
CA ILE B 30 -11.27 -11.34 -35.15
C ILE B 30 -11.74 -11.75 -33.77
N MET B 31 -12.58 -10.91 -33.16
CA MET B 31 -13.00 -11.11 -31.78
C MET B 31 -14.52 -11.06 -31.74
N PHE B 32 -15.13 -12.16 -31.34
CA PHE B 32 -16.56 -12.27 -31.31
C PHE B 32 -17.10 -11.83 -29.95
N GLU B 33 -18.05 -10.92 -29.92
CA GLU B 33 -18.71 -10.67 -28.67
C GLU B 33 -20.22 -10.85 -28.84
N ARG B 34 -20.86 -11.60 -27.95
CA ARG B 34 -22.27 -11.86 -28.16
C ARG B 34 -23.07 -10.61 -27.77
N GLY B 35 -22.66 -9.89 -26.74
CA GLY B 35 -23.28 -8.60 -26.41
C GLY B 35 -22.96 -7.42 -27.33
N GLU B 36 -23.38 -6.24 -26.94
CA GLU B 36 -23.15 -5.03 -27.77
C GLU B 36 -21.82 -4.27 -27.49
N TYR B 37 -21.19 -4.57 -26.34
CA TYR B 37 -20.03 -3.81 -25.84
C TYR B 37 -18.82 -4.68 -25.58
N VAL B 38 -17.65 -4.10 -25.66
CA VAL B 38 -16.41 -4.81 -25.55
C VAL B 38 -15.51 -4.01 -24.55
N SER B 39 -14.56 -4.61 -23.85
CA SER B 39 -13.79 -3.89 -22.83
C SER B 39 -14.71 -2.98 -22.01
N PHE B 40 -15.77 -3.57 -21.43
CA PHE B 40 -16.58 -2.82 -20.46
C PHE B 40 -16.06 -2.97 -19.01
N ALA B 41 -16.29 -1.97 -18.17
CA ALA B 41 -15.84 -2.06 -16.79
C ALA B 41 -16.81 -2.91 -15.98
N ASN B 42 -16.65 -4.23 -16.02
CA ASN B 42 -17.61 -5.05 -15.31
C ASN B 42 -17.62 -4.57 -13.87
N CYS B 43 -16.46 -4.28 -13.28
CA CYS B 43 -16.41 -4.00 -11.85
C CYS B 43 -17.15 -2.72 -11.42
N GLY B 44 -17.46 -1.81 -12.35
CA GLY B 44 -18.10 -0.51 -12.03
C GLY B 44 -19.62 -0.49 -12.02
N LEU B 45 -20.20 -1.61 -12.49
CA LEU B 45 -21.65 -1.72 -12.68
C LEU B 45 -22.40 -1.33 -11.41
N PRO B 46 -21.97 -1.86 -10.24
CA PRO B 46 -22.72 -1.46 -9.05
C PRO B 46 -22.55 0.00 -8.78
N TYR B 47 -21.36 0.54 -9.05
CA TYR B 47 -21.07 1.91 -8.67
C TYR B 47 -21.77 2.91 -9.61
N HIS B 48 -22.20 2.45 -10.79
CA HIS B 48 -22.97 3.35 -11.66
C HIS B 48 -24.42 3.23 -11.29
N ILE B 49 -24.80 2.10 -10.72
CA ILE B 49 -26.20 2.02 -10.29
C ILE B 49 -26.47 3.04 -9.23
N SER B 50 -25.47 3.34 -8.40
CA SER B 50 -25.69 4.24 -7.29
C SER B 50 -25.56 5.66 -7.74
N GLY B 51 -25.08 5.84 -8.95
CA GLY B 51 -24.66 7.19 -9.34
C GLY B 51 -23.27 7.62 -8.88
N GLU B 52 -22.52 6.78 -8.15
CA GLU B 52 -21.15 7.11 -7.75
C GLU B 52 -20.30 7.31 -8.97
N ILE B 53 -20.44 6.43 -9.93
CA ILE B 53 -19.87 6.62 -11.25
C ILE B 53 -20.96 7.31 -12.04
N ALA B 54 -20.79 8.61 -12.31
CA ALA B 54 -21.93 9.38 -12.85
C ALA B 54 -22.30 8.93 -14.22
N GLN B 55 -21.31 8.70 -15.06
CA GLN B 55 -21.60 8.53 -16.48
C GLN B 55 -21.54 7.13 -17.10
N ARG B 56 -22.60 6.75 -17.81
CA ARG B 56 -22.63 5.49 -18.50
C ARG B 56 -21.35 5.31 -19.35
N SER B 57 -20.95 6.37 -20.05
CA SER B 57 -19.82 6.28 -20.94
C SER B 57 -18.54 5.89 -20.25
N ALA B 58 -18.38 6.25 -18.97
CA ALA B 58 -17.18 5.83 -18.24
C ALA B 58 -16.99 4.29 -18.22
N LEU B 59 -18.03 3.55 -18.54
CA LEU B 59 -17.98 2.09 -18.39
C LEU B 59 -17.51 1.38 -19.67
N VAL B 60 -17.29 2.13 -20.74
CA VAL B 60 -16.91 1.52 -21.96
C VAL B 60 -15.54 1.95 -22.27
N LEU B 61 -14.57 1.07 -22.15
CA LEU B 61 -13.16 1.47 -22.31
C LEU B 61 -12.62 1.29 -23.69
N GLN B 62 -13.32 0.53 -24.53
CA GLN B 62 -12.97 0.38 -25.94
C GLN B 62 -14.18 0.23 -26.83
N THR B 63 -14.07 0.51 -28.13
CA THR B 63 -15.16 0.19 -29.05
C THR B 63 -14.70 -0.61 -30.29
N PRO B 64 -15.64 -1.30 -30.98
CA PRO B 64 -15.30 -1.94 -32.24
C PRO B 64 -14.47 -1.01 -33.12
N GLU B 65 -14.92 0.24 -33.22
CA GLU B 65 -14.14 1.25 -33.97
C GLU B 65 -12.79 1.62 -33.32
N SER B 66 -12.74 1.71 -31.98
CA SER B 66 -11.49 2.06 -31.39
C SER B 66 -10.51 0.93 -31.64
N PHE B 67 -11.03 -0.31 -31.62
CA PHE B 67 -10.19 -1.49 -31.68
C PHE B 67 -9.70 -1.65 -33.10
N LYS B 68 -10.50 -1.23 -34.09
CA LYS B 68 -10.10 -1.27 -35.52
C LYS B 68 -9.05 -0.19 -35.84
N ALA B 69 -9.34 1.03 -35.42
CA ALA B 69 -8.39 2.14 -35.61
C ALA B 69 -7.02 1.91 -34.94
N ARG B 70 -7.02 1.55 -33.66
CA ARG B 70 -5.74 1.49 -32.94
C ARG B 70 -5.04 0.18 -33.19
N PHE B 71 -5.79 -0.92 -33.10
CA PHE B 71 -5.19 -2.27 -33.17
C PHE B 71 -5.56 -3.12 -34.42
N ASN B 72 -6.38 -2.60 -35.33
CA ASN B 72 -6.76 -3.32 -36.55
C ASN B 72 -7.18 -4.76 -36.26
N VAL B 73 -7.99 -4.89 -35.23
CA VAL B 73 -8.70 -6.13 -34.95
C VAL B 73 -10.16 -5.92 -35.30
N GLU B 74 -10.77 -6.96 -35.81
CA GLU B 74 -12.12 -6.90 -36.31
C GLU B 74 -13.01 -7.43 -35.27
N VAL B 75 -13.74 -6.53 -34.65
CA VAL B 75 -14.61 -6.81 -33.57
C VAL B 75 -16.00 -6.94 -34.07
N ARG B 76 -16.54 -8.12 -33.94
CA ARG B 76 -17.85 -8.42 -34.40
C ARG B 76 -18.77 -8.56 -33.24
N VAL B 77 -19.60 -7.55 -32.99
CA VAL B 77 -20.51 -7.61 -31.89
C VAL B 77 -21.84 -8.16 -32.33
N LYS B 78 -22.58 -8.63 -31.36
CA LYS B 78 -23.82 -9.35 -31.65
C LYS B 78 -23.61 -10.62 -32.49
N HIS B 79 -22.38 -11.15 -32.48
CA HIS B 79 -22.08 -12.45 -33.12
C HIS B 79 -21.76 -13.46 -32.02
N GLU B 80 -22.58 -14.53 -31.87
CA GLU B 80 -22.38 -15.53 -30.78
C GLU B 80 -21.89 -16.85 -31.34
N VAL B 81 -20.67 -17.23 -30.98
CA VAL B 81 -20.13 -18.49 -31.49
C VAL B 81 -20.97 -19.60 -30.88
N VAL B 82 -21.49 -20.49 -31.73
CA VAL B 82 -22.31 -21.58 -31.20
C VAL B 82 -21.75 -22.97 -31.37
N ALA B 83 -20.61 -23.11 -32.03
CA ALA B 83 -19.95 -24.42 -32.13
C ALA B 83 -18.49 -24.26 -32.53
N ILE B 84 -17.67 -25.18 -32.06
CA ILE B 84 -16.30 -25.34 -32.55
C ILE B 84 -16.12 -26.76 -33.09
N ASP B 85 -15.59 -26.81 -34.31
CA ASP B 85 -15.25 -28.04 -34.98
C ASP B 85 -13.74 -28.13 -34.92
N ARG B 86 -13.23 -28.90 -33.96
CA ARG B 86 -11.76 -28.94 -33.77
C ARG B 86 -11.03 -29.55 -34.94
N ALA B 87 -11.51 -30.72 -35.38
CA ALA B 87 -10.95 -31.42 -36.53
C ALA B 87 -10.85 -30.50 -37.74
N ALA B 88 -11.92 -29.75 -38.04
CA ALA B 88 -11.94 -28.86 -39.20
C ALA B 88 -11.23 -27.48 -39.03
N LYS B 89 -10.92 -27.11 -37.78
CA LYS B 89 -10.48 -25.75 -37.41
C LYS B 89 -11.50 -24.75 -37.96
N LEU B 90 -12.74 -24.96 -37.56
CA LEU B 90 -13.84 -24.09 -37.91
C LEU B 90 -14.73 -23.85 -36.69
N VAL B 91 -15.16 -22.62 -36.48
CA VAL B 91 -16.24 -22.29 -35.56
C VAL B 91 -17.50 -21.91 -36.33
N THR B 92 -18.64 -22.04 -35.69
CA THR B 92 -19.90 -21.65 -36.26
C THR B 92 -20.46 -20.46 -35.54
N VAL B 93 -20.75 -19.40 -36.25
CA VAL B 93 -21.23 -18.20 -35.60
C VAL B 93 -22.62 -17.80 -36.01
N ARG B 94 -23.41 -17.39 -35.04
CA ARG B 94 -24.72 -16.89 -35.29
C ARG B 94 -24.73 -15.40 -35.15
N ARG B 95 -25.23 -14.71 -36.16
CA ARG B 95 -25.55 -13.26 -36.10
C ARG B 95 -26.87 -13.10 -35.35
N LEU B 96 -26.83 -12.51 -34.15
CA LEU B 96 -28.05 -12.39 -33.31
C LEU B 96 -29.10 -11.42 -33.88
N LEU B 97 -28.71 -10.71 -34.93
CA LEU B 97 -29.55 -9.76 -35.59
C LEU B 97 -30.72 -10.48 -36.26
N ASP B 98 -30.42 -11.53 -36.98
CA ASP B 98 -31.42 -12.23 -37.80
C ASP B 98 -31.35 -13.76 -37.63
N GLY B 99 -30.51 -14.27 -36.74
CA GLY B 99 -30.35 -15.71 -36.56
C GLY B 99 -29.67 -16.48 -37.71
N SER B 100 -29.15 -15.76 -38.73
CA SER B 100 -28.28 -16.39 -39.76
C SER B 100 -26.94 -16.85 -39.14
N GLU B 101 -26.30 -17.87 -39.74
CA GLU B 101 -25.03 -18.44 -39.23
C GLU B 101 -24.01 -18.55 -40.35
N TYR B 102 -22.76 -18.66 -40.00
CA TYR B 102 -21.69 -18.74 -40.98
C TYR B 102 -20.50 -19.36 -40.25
N GLN B 103 -19.66 -20.03 -41.01
CA GLN B 103 -18.47 -20.68 -40.54
C GLN B 103 -17.30 -19.68 -40.64
N GLU B 104 -16.31 -19.78 -39.73
CA GLU B 104 -15.04 -19.01 -39.82
C GLU B 104 -13.92 -19.90 -39.34
N SER B 105 -12.78 -19.80 -40.04
CA SER B 105 -11.70 -20.74 -39.88
C SER B 105 -10.71 -20.07 -38.96
N TYR B 106 -9.90 -20.89 -38.26
CA TYR B 106 -8.83 -20.32 -37.43
C TYR B 106 -7.50 -21.12 -37.52
N ASP B 107 -6.38 -20.43 -37.25
CA ASP B 107 -5.12 -21.12 -37.02
C ASP B 107 -5.00 -21.48 -35.57
N THR B 108 -5.37 -20.54 -34.71
CA THR B 108 -5.43 -20.74 -33.27
C THR B 108 -6.70 -19.99 -32.76
N LEU B 109 -7.25 -20.46 -31.65
CA LEU B 109 -8.53 -19.99 -31.15
C LEU B 109 -8.30 -19.64 -29.71
N LEU B 110 -9.04 -18.67 -29.18
CA LEU B 110 -8.94 -18.32 -27.75
C LEU B 110 -10.31 -18.29 -27.15
N LEU B 111 -10.52 -19.05 -26.09
CA LEU B 111 -11.77 -19.04 -25.30
C LEU B 111 -11.71 -18.11 -24.05
N SER B 112 -12.59 -17.09 -24.01
CA SER B 112 -12.70 -16.19 -22.87
C SER B 112 -14.16 -15.83 -22.71
N PRO B 113 -15.00 -16.85 -22.47
CA PRO B 113 -16.43 -16.61 -22.42
C PRO B 113 -16.97 -16.19 -21.04
N GLY B 114 -16.13 -16.14 -20.01
CA GLY B 114 -16.59 -15.70 -18.71
C GLY B 114 -17.41 -16.74 -17.93
N ALA B 115 -18.23 -16.26 -17.02
CA ALA B 115 -18.92 -17.12 -16.09
C ALA B 115 -20.33 -16.56 -15.90
N ALA B 116 -21.37 -17.38 -16.00
CA ALA B 116 -22.75 -16.85 -15.84
C ALA B 116 -23.09 -16.70 -14.36
N PRO B 117 -24.06 -15.82 -13.98
CA PRO B 117 -24.52 -15.90 -12.56
C PRO B 117 -25.21 -17.23 -12.32
N ILE B 118 -25.15 -17.75 -11.11
CA ILE B 118 -25.83 -19.02 -10.83
C ILE B 118 -27.36 -18.87 -10.80
N VAL B 119 -28.04 -19.84 -11.43
CA VAL B 119 -29.49 -19.94 -11.46
C VAL B 119 -29.84 -20.83 -10.26
N PRO B 120 -30.41 -20.27 -9.20
CA PRO B 120 -30.76 -21.23 -8.14
C PRO B 120 -32.09 -21.96 -8.46
N PRO B 121 -32.17 -23.27 -8.17
CA PRO B 121 -33.48 -23.98 -8.31
C PRO B 121 -34.54 -23.46 -7.30
N ILE B 122 -35.08 -22.27 -7.52
CA ILE B 122 -35.99 -21.69 -6.54
C ILE B 122 -37.35 -21.48 -7.21
N PRO B 123 -38.44 -22.00 -6.60
CA PRO B 123 -39.74 -21.79 -7.24
C PRO B 123 -40.02 -20.31 -7.39
N GLY B 124 -40.27 -19.87 -8.60
CA GLY B 124 -40.77 -18.55 -8.85
C GLY B 124 -39.81 -17.44 -9.05
N VAL B 125 -38.54 -17.74 -9.05
CA VAL B 125 -37.50 -16.75 -8.96
C VAL B 125 -37.23 -16.03 -10.22
N ASP B 126 -37.76 -16.56 -11.31
CA ASP B 126 -37.68 -15.92 -12.59
C ASP B 126 -38.93 -15.12 -12.75
N ASN B 127 -38.80 -13.82 -12.73
CA ASN B 127 -39.93 -12.90 -12.69
C ASN B 127 -39.51 -11.44 -12.97
N PRO B 128 -40.47 -10.54 -13.27
CA PRO B 128 -39.99 -9.23 -13.78
C PRO B 128 -39.23 -8.34 -12.74
N LEU B 129 -39.20 -8.74 -11.48
CA LEU B 129 -38.58 -7.87 -10.48
C LEU B 129 -37.35 -8.46 -9.87
N THR B 130 -36.88 -9.57 -10.39
CA THR B 130 -35.65 -10.10 -9.85
C THR B 130 -34.57 -10.13 -10.92
N HIS B 131 -33.36 -9.70 -10.58
CA HIS B 131 -32.27 -9.56 -11.55
C HIS B 131 -30.91 -10.07 -11.08
N SER B 132 -30.11 -10.58 -12.02
CA SER B 132 -28.69 -10.86 -11.69
C SER B 132 -27.86 -9.74 -12.34
N LEU B 133 -26.58 -9.61 -11.98
CA LEU B 133 -25.74 -8.59 -12.60
C LEU B 133 -24.50 -9.14 -13.24
N ARG B 134 -24.49 -9.22 -14.58
CA ARG B 134 -23.29 -9.62 -15.27
C ARG B 134 -22.69 -8.51 -16.16
N ASN B 135 -23.56 -7.71 -16.80
CA ASN B 135 -23.13 -6.75 -17.84
C ASN B 135 -24.02 -5.50 -17.93
N ILE B 136 -23.75 -4.67 -18.94
CA ILE B 136 -24.39 -3.37 -19.02
C ILE B 136 -25.91 -3.43 -19.19
N PRO B 137 -26.43 -4.35 -20.02
CA PRO B 137 -27.91 -4.45 -20.07
C PRO B 137 -28.57 -4.91 -18.76
N ASP B 138 -27.88 -5.77 -18.01
CA ASP B 138 -28.44 -6.26 -16.75
C ASP B 138 -28.47 -5.07 -15.89
N MET B 139 -27.47 -4.23 -16.09
CA MET B 139 -27.37 -3.06 -15.25
C MET B 139 -28.57 -2.15 -15.52
N ASP B 140 -28.95 -2.05 -16.78
CA ASP B 140 -30.00 -1.14 -17.20
C ASP B 140 -31.34 -1.62 -16.74
N ARG B 141 -31.52 -2.93 -16.73
CA ARG B 141 -32.77 -3.45 -16.24
C ARG B 141 -32.97 -3.16 -14.76
N ILE B 142 -31.89 -3.24 -13.98
CA ILE B 142 -31.98 -3.00 -12.54
C ILE B 142 -32.37 -1.55 -12.29
N LEU B 143 -31.76 -0.66 -13.05
CA LEU B 143 -32.08 0.72 -12.97
C LEU B 143 -33.53 0.95 -13.36
N GLN B 144 -33.98 0.20 -14.34
CA GLN B 144 -35.33 0.38 -14.83
C GLN B 144 -36.39 -0.04 -13.83
N THR B 145 -36.18 -1.20 -13.20
CA THR B 145 -37.01 -1.62 -12.08
C THR B 145 -36.96 -0.60 -10.97
N ILE B 146 -35.75 -0.13 -10.63
CA ILE B 146 -35.64 0.86 -9.55
C ILE B 146 -36.52 2.07 -9.78
N GLN B 147 -36.50 2.58 -11.02
CA GLN B 147 -37.27 3.75 -11.40
C GLN B 147 -38.73 3.45 -11.55
N MET B 148 -39.08 2.46 -12.35
CA MET B 148 -40.49 2.19 -12.63
C MET B 148 -41.23 1.55 -11.48
N ASN B 149 -40.56 0.74 -10.66
CA ASN B 149 -41.28 0.21 -9.53
C ASN B 149 -41.16 1.02 -8.24
N ASN B 150 -40.55 2.20 -8.37
CA ASN B 150 -40.42 3.08 -7.28
C ASN B 150 -39.82 2.36 -6.07
N VAL B 151 -38.75 1.57 -6.27
CA VAL B 151 -38.26 0.66 -5.20
C VAL B 151 -37.97 1.40 -3.90
N GLU B 152 -38.64 1.04 -2.81
CA GLU B 152 -38.25 1.62 -1.49
C GLU B 152 -37.65 0.62 -0.50
N HIS B 153 -37.94 -0.68 -0.72
CA HIS B 153 -37.25 -1.75 0.00
C HIS B 153 -36.72 -2.78 -0.99
N ALA B 154 -35.41 -3.07 -0.98
CA ALA B 154 -34.83 -4.08 -1.91
C ALA B 154 -34.09 -5.22 -1.20
N THR B 155 -34.09 -6.41 -1.80
CA THR B 155 -33.42 -7.53 -1.17
C THR B 155 -32.24 -8.07 -1.98
N VAL B 156 -31.11 -8.26 -1.35
CA VAL B 156 -29.98 -8.93 -1.96
C VAL B 156 -29.73 -10.31 -1.41
N VAL B 157 -29.59 -11.28 -2.29
CA VAL B 157 -29.21 -12.61 -1.92
C VAL B 157 -27.79 -12.81 -2.33
N GLY B 158 -26.92 -13.12 -1.41
CA GLY B 158 -25.53 -13.29 -1.70
C GLY B 158 -24.64 -12.34 -0.95
N GLY B 159 -23.76 -12.85 -0.12
CA GLY B 159 -22.96 -11.93 0.69
C GLY B 159 -21.53 -11.74 0.23
N GLY B 160 -21.18 -12.23 -0.96
CA GLY B 160 -19.85 -12.05 -1.55
C GLY B 160 -19.69 -10.63 -2.06
N ALA B 161 -18.58 -10.39 -2.75
CA ALA B 161 -18.23 -9.05 -3.27
C ALA B 161 -19.36 -8.33 -4.02
N ILE B 162 -19.95 -8.97 -5.04
CA ILE B 162 -20.97 -8.30 -5.82
C ILE B 162 -22.20 -8.02 -4.92
N GLY B 163 -22.47 -8.93 -4.00
CA GLY B 163 -23.67 -8.81 -3.15
C GLY B 163 -23.46 -7.58 -2.30
N LEU B 164 -22.37 -7.56 -1.54
CA LEU B 164 -22.08 -6.41 -0.72
C LEU B 164 -22.14 -5.07 -1.47
N GLU B 165 -21.70 -5.07 -2.73
CA GLU B 165 -21.65 -3.88 -3.53
C GLU B 165 -22.99 -3.41 -3.97
N MET B 166 -23.90 -4.32 -4.22
CA MET B 166 -25.26 -3.90 -4.56
C MET B 166 -26.01 -3.54 -3.30
N MET B 167 -25.80 -4.29 -2.24
CA MET B 167 -26.43 -3.88 -1.00
C MET B 167 -26.05 -2.40 -0.71
N GLU B 168 -24.76 -2.07 -0.82
CA GLU B 168 -24.25 -0.72 -0.51
C GLU B 168 -24.83 0.34 -1.46
N SER B 169 -24.75 0.00 -2.74
CA SER B 169 -25.21 0.85 -3.80
C SER B 169 -26.72 1.22 -3.67
N LEU B 170 -27.59 0.23 -3.44
CA LEU B 170 -29.00 0.50 -3.17
C LEU B 170 -29.19 1.38 -1.92
N HIS B 171 -28.37 1.13 -0.86
CA HIS B 171 -28.44 1.95 0.36
C HIS B 171 -28.11 3.38 0.00
N HIS B 172 -27.04 3.65 -0.77
CA HIS B 172 -26.69 5.06 -1.21
C HIS B 172 -27.88 5.67 -1.90
N LEU B 173 -28.67 4.84 -2.59
CA LEU B 173 -29.84 5.37 -3.25
C LEU B 173 -31.06 5.61 -2.37
N GLY B 174 -30.95 5.42 -1.05
CA GLY B 174 -32.08 5.69 -0.14
C GLY B 174 -32.86 4.47 0.21
N ILE B 175 -32.62 3.38 -0.48
CA ILE B 175 -33.49 2.26 -0.41
C ILE B 175 -33.12 1.46 0.84
N LYS B 176 -34.13 1.14 1.67
CA LYS B 176 -34.00 0.30 2.87
C LYS B 176 -33.60 -1.09 2.33
N THR B 177 -32.53 -1.70 2.81
CA THR B 177 -32.15 -2.98 2.20
C THR B 177 -31.98 -4.14 3.16
N THR B 178 -32.10 -5.34 2.60
CA THR B 178 -31.96 -6.60 3.29
C THR B 178 -30.86 -7.45 2.62
N LEU B 179 -29.93 -8.06 3.34
CA LEU B 179 -28.99 -8.96 2.64
C LEU B 179 -29.08 -10.35 3.24
N LEU B 180 -29.11 -11.36 2.41
CA LEU B 180 -29.21 -12.73 2.86
C LEU B 180 -28.02 -13.53 2.47
N GLU B 181 -27.48 -14.30 3.38
CA GLU B 181 -26.40 -15.20 3.05
C GLU B 181 -26.70 -16.53 3.67
N LEU B 182 -26.37 -17.62 3.02
CA LEU B 182 -26.52 -18.90 3.63
C LEU B 182 -25.42 -19.17 4.62
N ALA B 183 -24.19 -18.89 4.24
CA ALA B 183 -23.02 -19.07 5.12
C ALA B 183 -23.22 -18.23 6.38
N ASP B 184 -22.28 -18.31 7.30
CA ASP B 184 -22.40 -17.56 8.55
C ASP B 184 -21.57 -16.22 8.54
N GLN B 185 -21.41 -15.63 7.35
CA GLN B 185 -20.58 -14.46 7.11
C GLN B 185 -20.66 -14.05 5.65
N VAL B 186 -20.42 -12.77 5.41
CA VAL B 186 -20.18 -12.25 4.07
C VAL B 186 -18.69 -12.49 3.69
N MET B 187 -18.28 -12.22 2.46
CA MET B 187 -16.85 -12.14 2.13
C MET B 187 -16.08 -13.41 2.56
N THR B 188 -16.35 -14.54 1.89
CA THR B 188 -15.76 -15.83 2.32
C THR B 188 -14.23 -15.87 2.29
N PRO B 189 -13.58 -15.06 1.40
CA PRO B 189 -12.12 -15.06 1.33
C PRO B 189 -11.46 -14.78 2.69
N VAL B 190 -12.10 -14.03 3.56
CA VAL B 190 -11.67 -13.87 4.94
C VAL B 190 -12.46 -14.73 5.88
N ASP B 191 -12.07 -14.80 7.12
CA ASP B 191 -12.68 -15.75 8.01
C ASP B 191 -13.72 -15.18 8.94
N ARG B 192 -14.68 -15.99 9.32
CA ARG B 192 -15.80 -15.53 10.09
C ARG B 192 -15.48 -14.45 11.06
N GLU B 193 -14.46 -14.61 11.88
CA GLU B 193 -14.11 -13.60 12.91
C GLU B 193 -13.67 -12.26 12.28
N MET B 194 -12.91 -12.33 11.19
CA MET B 194 -12.58 -11.17 10.41
C MET B 194 -13.85 -10.54 9.79
N ALA B 195 -14.68 -11.32 9.10
CA ALA B 195 -16.00 -10.83 8.61
C ALA B 195 -16.81 -10.09 9.68
N GLY B 196 -16.60 -10.46 10.94
CA GLY B 196 -17.34 -9.88 12.06
C GLY B 196 -17.36 -8.35 12.01
N PHE B 197 -16.20 -7.71 11.79
CA PHE B 197 -16.11 -6.25 11.68
C PHE B 197 -17.06 -5.70 10.61
N ALA B 198 -17.23 -6.41 9.51
CA ALA B 198 -18.06 -5.98 8.37
C ALA B 198 -19.56 -6.06 8.69
N HIS B 199 -19.91 -7.12 9.43
CA HIS B 199 -21.29 -7.34 9.83
C HIS B 199 -21.73 -6.19 10.68
N GLN B 200 -20.96 -5.90 11.71
CA GLN B 200 -21.19 -4.72 12.50
C GLN B 200 -21.35 -3.46 11.65
N ALA B 201 -20.50 -3.26 10.64
CA ALA B 201 -20.54 -2.02 9.89
C ALA B 201 -21.78 -1.99 9.04
N ILE B 202 -22.10 -3.10 8.39
CA ILE B 202 -23.36 -3.21 7.66
C ILE B 202 -24.59 -2.94 8.52
N ARG B 203 -24.61 -3.34 9.80
CA ARG B 203 -25.86 -3.22 10.61
C ARG B 203 -25.98 -1.80 11.10
N ASP B 204 -24.87 -1.26 11.56
CA ASP B 204 -24.75 0.17 11.80
C ASP B 204 -25.37 1.05 10.72
N GLN B 205 -25.36 0.62 9.46
CA GLN B 205 -26.05 1.43 8.42
C GLN B 205 -27.57 1.28 8.34
N GLY B 206 -28.17 0.49 9.22
CA GLY B 206 -29.63 0.28 9.19
C GLY B 206 -30.03 -0.74 8.10
N VAL B 207 -29.07 -1.62 7.73
CA VAL B 207 -29.31 -2.68 6.79
C VAL B 207 -29.69 -3.95 7.55
N ASP B 208 -30.62 -4.70 7.01
CA ASP B 208 -31.08 -5.90 7.66
C ASP B 208 -30.39 -7.16 7.06
N LEU B 209 -29.40 -7.64 7.83
CA LEU B 209 -28.40 -8.67 7.45
C LEU B 209 -28.89 -9.87 8.12
N ARG B 210 -29.08 -10.93 7.34
CA ARG B 210 -29.55 -12.19 7.85
C ARG B 210 -28.67 -13.27 7.31
N LEU B 211 -27.67 -13.61 8.11
CA LEU B 211 -26.72 -14.66 7.86
C LEU B 211 -27.31 -16.01 8.15
N GLY B 212 -26.78 -17.03 7.53
CA GLY B 212 -27.27 -18.37 7.71
C GLY B 212 -28.72 -18.55 7.38
N THR B 213 -29.13 -18.13 6.21
CA THR B 213 -30.51 -18.23 5.87
C THR B 213 -30.67 -18.15 4.38
N ALA B 214 -31.55 -18.95 3.83
CA ALA B 214 -31.74 -18.94 2.37
C ALA B 214 -33.14 -18.51 1.93
N LEU B 215 -33.26 -18.18 0.67
CA LEU B 215 -34.50 -17.90 0.05
C LEU B 215 -35.09 -19.19 -0.41
N SER B 216 -36.28 -19.52 0.06
CA SER B 216 -36.90 -20.76 -0.32
C SER B 216 -37.86 -20.68 -1.51
N GLU B 217 -38.61 -19.62 -1.58
CA GLU B 217 -39.64 -19.39 -2.60
C GLU B 217 -39.75 -17.92 -2.94
N VAL B 218 -40.08 -17.65 -4.19
CA VAL B 218 -40.45 -16.29 -4.58
C VAL B 218 -41.89 -16.28 -5.14
N SER B 219 -42.74 -15.49 -4.52
CA SER B 219 -44.06 -15.30 -5.09
C SER B 219 -44.10 -13.87 -5.59
N TYR B 220 -44.36 -13.76 -6.87
CA TYR B 220 -44.45 -12.49 -7.56
C TYR B 220 -45.92 -12.26 -7.81
N GLN B 221 -46.44 -11.16 -7.25
CA GLN B 221 -47.83 -10.78 -7.56
C GLN B 221 -47.94 -9.37 -8.20
N VAL B 222 -48.61 -9.34 -9.34
CA VAL B 222 -48.74 -8.17 -10.18
C VAL B 222 -49.63 -7.13 -9.52
N GLN B 223 -49.38 -5.85 -9.78
CA GLN B 223 -50.21 -4.78 -9.16
C GLN B 223 -51.48 -4.46 -9.95
N THR B 224 -52.63 -4.50 -9.30
CA THR B 224 -53.85 -4.33 -10.07
C THR B 224 -54.51 -3.00 -9.85
N HIS B 225 -54.12 -2.27 -8.79
CA HIS B 225 -54.81 -1.05 -8.39
C HIS B 225 -53.84 0.08 -8.62
N VAL B 226 -54.16 0.98 -9.54
CA VAL B 226 -53.36 2.17 -9.65
C VAL B 226 -53.96 3.33 -8.87
N ALA B 227 -53.30 3.60 -7.75
CA ALA B 227 -53.64 4.69 -6.87
C ALA B 227 -53.62 5.92 -7.71
N SER B 228 -54.57 6.80 -7.45
CA SER B 228 -54.61 8.03 -8.17
C SER B 228 -54.78 9.31 -7.33
N ASP B 229 -54.12 10.36 -7.78
CA ASP B 229 -54.30 11.65 -7.19
C ASP B 229 -55.70 12.16 -7.51
N ALA B 230 -56.19 11.84 -8.71
CA ALA B 230 -57.56 12.19 -9.10
C ALA B 230 -58.59 11.59 -8.13
N ALA B 231 -58.25 10.44 -7.53
CA ALA B 231 -59.15 9.64 -6.66
C ALA B 231 -59.02 10.07 -5.20
N GLY B 232 -58.07 11.00 -4.95
CA GLY B 232 -57.71 11.44 -3.61
C GLY B 232 -56.98 10.35 -2.86
N GLU B 233 -56.18 9.55 -3.56
CA GLU B 233 -55.32 8.56 -2.87
C GLU B 233 -53.88 9.09 -2.77
N ASP B 234 -53.14 8.54 -1.81
CA ASP B 234 -51.73 8.87 -1.69
C ASP B 234 -50.94 8.03 -2.71
N THR B 235 -50.23 8.68 -3.63
CA THR B 235 -49.47 7.95 -4.65
C THR B 235 -47.99 7.69 -4.28
N ALA B 236 -47.59 8.07 -3.08
CA ALA B 236 -46.16 8.14 -2.76
C ALA B 236 -45.48 6.76 -2.74
N HIS B 237 -46.22 5.75 -2.31
CA HIS B 237 -45.57 4.54 -1.98
C HIS B 237 -46.09 3.40 -2.84
N GLN B 238 -46.22 3.70 -4.11
CA GLN B 238 -46.78 2.72 -5.04
C GLN B 238 -45.68 2.05 -5.81
N HIS B 239 -45.94 0.82 -6.22
CA HIS B 239 -45.01 0.01 -7.00
C HIS B 239 -45.87 -0.66 -8.02
N ILE B 240 -45.95 0.00 -9.17
CA ILE B 240 -46.90 -0.37 -10.18
C ILE B 240 -46.46 -1.58 -10.99
N LYS B 241 -45.17 -1.91 -10.92
CA LYS B 241 -44.67 -3.08 -11.65
C LYS B 241 -44.85 -4.30 -10.75
N GLY B 242 -45.41 -4.10 -9.56
CA GLY B 242 -45.69 -5.23 -8.64
C GLY B 242 -44.88 -5.39 -7.35
N HIS B 243 -45.01 -6.56 -6.75
CA HIS B 243 -44.53 -6.81 -5.40
C HIS B 243 -43.90 -8.21 -5.32
N LEU B 244 -42.91 -8.39 -4.43
CA LEU B 244 -42.40 -9.74 -4.15
C LEU B 244 -42.55 -10.19 -2.70
N SER B 245 -42.94 -11.45 -2.56
CA SER B 245 -43.07 -12.13 -1.26
C SER B 245 -42.18 -13.34 -1.23
N LEU B 246 -41.13 -13.22 -0.45
CA LEU B 246 -40.07 -14.21 -0.35
C LEU B 246 -40.34 -15.08 0.87
N THR B 247 -40.16 -16.38 0.72
CA THR B 247 -40.29 -17.24 1.87
C THR B 247 -38.88 -17.73 2.22
N LEU B 248 -38.48 -17.49 3.46
CA LEU B 248 -37.16 -17.88 3.86
C LEU B 248 -37.14 -19.29 4.50
N SER B 249 -35.95 -19.88 4.52
CA SER B 249 -35.69 -21.23 5.02
C SER B 249 -36.22 -21.45 6.42
N ASN B 250 -36.27 -20.39 7.22
CA ASN B 250 -36.80 -20.46 8.59
C ASN B 250 -38.31 -20.18 8.70
N GLY B 251 -39.02 -20.27 7.57
CA GLY B 251 -40.47 -20.07 7.53
C GLY B 251 -40.95 -18.62 7.38
N GLU B 252 -40.11 -17.66 7.77
CA GLU B 252 -40.53 -16.25 7.80
C GLU B 252 -40.75 -15.65 6.41
N LEU B 253 -41.68 -14.69 6.33
CA LEU B 253 -41.98 -13.95 5.08
C LEU B 253 -41.20 -12.62 4.96
N LEU B 254 -40.92 -12.22 3.72
CA LEU B 254 -40.25 -10.96 3.50
C LEU B 254 -40.89 -10.29 2.30
N GLU B 255 -41.41 -9.09 2.53
CA GLU B 255 -42.04 -8.28 1.51
C GLU B 255 -40.98 -7.34 0.90
N THR B 256 -40.94 -7.20 -0.42
CA THR B 256 -39.93 -6.34 -1.07
C THR B 256 -40.37 -5.94 -2.48
N ASP B 257 -39.73 -4.87 -3.03
CA ASP B 257 -40.00 -4.30 -4.36
C ASP B 257 -38.96 -4.67 -5.47
N LEU B 258 -37.86 -5.36 -5.13
CA LEU B 258 -36.83 -5.75 -6.10
C LEU B 258 -35.91 -6.71 -5.44
N LEU B 259 -35.45 -7.72 -6.16
CA LEU B 259 -34.64 -8.76 -5.58
C LEU B 259 -33.44 -9.00 -6.49
N ILE B 260 -32.23 -8.87 -5.92
CA ILE B 260 -30.97 -8.96 -6.65
C ILE B 260 -30.28 -10.29 -6.31
N MET B 261 -30.01 -11.06 -7.34
CA MET B 261 -29.50 -12.42 -7.18
C MET B 261 -27.98 -12.45 -7.39
N ALA B 262 -27.21 -12.70 -6.33
CA ALA B 262 -25.75 -12.54 -6.40
C ALA B 262 -24.99 -13.68 -5.70
N ILE B 263 -25.47 -14.91 -5.93
CA ILE B 263 -24.99 -16.07 -5.19
C ILE B 263 -23.85 -16.75 -5.90
N GLY B 264 -22.98 -15.97 -6.55
CA GLY B 264 -21.84 -16.52 -7.28
C GLY B 264 -22.03 -16.82 -8.75
N VAL B 265 -20.95 -17.26 -9.39
CA VAL B 265 -20.97 -17.53 -10.83
C VAL B 265 -20.42 -18.90 -11.21
N ARG B 266 -20.78 -19.36 -12.40
CA ARG B 266 -20.45 -20.69 -12.86
C ARG B 266 -20.00 -20.58 -14.33
N PRO B 267 -18.78 -21.08 -14.63
CA PRO B 267 -18.13 -21.02 -15.93
C PRO B 267 -18.97 -21.38 -17.12
N GLU B 268 -18.89 -20.51 -18.10
CA GLU B 268 -19.35 -20.85 -19.44
C GLU B 268 -18.51 -22.03 -20.00
N THR B 269 -19.00 -23.25 -19.84
CA THR B 269 -18.31 -24.39 -20.43
C THR B 269 -19.01 -25.07 -21.59
N GLN B 270 -20.22 -24.63 -22.00
CA GLN B 270 -20.97 -25.40 -23.02
C GLN B 270 -20.18 -25.67 -24.31
N LEU B 271 -19.73 -24.60 -24.94
CA LEU B 271 -19.00 -24.68 -26.20
C LEU B 271 -17.77 -25.59 -26.07
N ALA B 272 -17.09 -25.46 -24.93
CA ALA B 272 -15.96 -26.31 -24.61
C ALA B 272 -16.38 -27.78 -24.46
N ARG B 273 -17.43 -28.05 -23.70
CA ARG B 273 -17.81 -29.45 -23.56
C ARG B 273 -18.44 -30.06 -24.82
N ASP B 274 -19.15 -29.27 -25.63
CA ASP B 274 -19.64 -29.77 -26.94
C ASP B 274 -18.53 -30.14 -27.85
N ALA B 275 -17.37 -29.48 -27.80
CA ALA B 275 -16.29 -29.78 -28.73
C ALA B 275 -15.34 -30.89 -28.19
N GLY B 276 -15.71 -31.49 -27.05
CA GLY B 276 -14.85 -32.48 -26.41
C GLY B 276 -13.57 -31.97 -25.72
N LEU B 277 -13.57 -30.73 -25.21
CA LEU B 277 -12.38 -30.21 -24.46
C LEU B 277 -12.41 -30.70 -23.05
N ALA B 278 -11.24 -30.90 -22.45
CA ALA B 278 -11.15 -31.36 -21.06
C ALA B 278 -11.76 -30.34 -20.09
N ILE B 279 -12.58 -30.84 -19.15
CA ILE B 279 -13.20 -30.07 -18.08
C ILE B 279 -12.74 -30.66 -16.76
N GLY B 280 -12.44 -29.80 -15.79
CA GLY B 280 -11.84 -30.20 -14.50
C GLY B 280 -12.91 -30.53 -13.48
N GLU B 281 -12.48 -30.95 -12.30
CA GLU B 281 -13.42 -31.43 -11.30
C GLU B 281 -14.32 -30.37 -10.72
N LEU B 282 -13.93 -29.11 -10.89
CA LEU B 282 -14.64 -28.01 -10.28
C LEU B 282 -15.64 -27.40 -11.26
N GLY B 283 -15.61 -27.92 -12.49
CA GLY B 283 -16.58 -27.51 -13.52
C GLY B 283 -16.17 -26.38 -14.45
N GLY B 284 -14.90 -25.97 -14.40
CA GLY B 284 -14.34 -25.07 -15.38
C GLY B 284 -13.41 -25.77 -16.36
N ILE B 285 -13.04 -25.05 -17.41
CA ILE B 285 -12.20 -25.64 -18.45
C ILE B 285 -10.81 -25.95 -17.89
N LYS B 286 -10.24 -27.11 -18.20
CA LYS B 286 -8.88 -27.44 -17.80
C LYS B 286 -7.85 -26.90 -18.79
N VAL B 287 -6.85 -26.16 -18.30
CA VAL B 287 -5.74 -25.71 -19.16
C VAL B 287 -4.38 -26.16 -18.56
N ASN B 288 -3.30 -26.11 -19.33
CA ASN B 288 -1.99 -26.27 -18.71
C ASN B 288 -1.61 -24.87 -18.20
N ALA B 289 -0.41 -24.68 -17.65
CA ALA B 289 0.00 -23.31 -17.28
C ALA B 289 0.28 -22.32 -18.49
N MET B 290 0.20 -22.82 -19.70
CA MET B 290 0.44 -21.97 -20.87
C MET B 290 -0.90 -21.50 -21.40
N MET B 291 -1.94 -21.97 -20.72
CA MET B 291 -3.31 -21.57 -21.01
C MET B 291 -3.88 -22.40 -22.16
N GLN B 292 -3.24 -23.53 -22.48
CA GLN B 292 -3.88 -24.37 -23.48
C GLN B 292 -4.86 -25.45 -22.94
N THR B 293 -6.03 -25.47 -23.54
CA THR B 293 -6.95 -26.53 -23.32
C THR B 293 -6.26 -27.77 -23.85
N SER B 294 -6.92 -28.91 -23.71
CA SER B 294 -6.48 -30.18 -24.24
C SER B 294 -6.43 -30.26 -25.78
N ASP B 295 -6.89 -29.25 -26.48
CA ASP B 295 -6.60 -29.12 -27.90
C ASP B 295 -5.52 -28.10 -28.02
N PRO B 296 -4.33 -28.51 -28.46
CA PRO B 296 -3.31 -27.50 -28.21
C PRO B 296 -3.42 -26.22 -29.13
N ALA B 297 -4.38 -26.20 -30.02
CA ALA B 297 -4.59 -25.05 -30.90
C ALA B 297 -5.56 -24.11 -30.20
N ILE B 298 -6.04 -24.54 -29.04
CA ILE B 298 -7.05 -23.77 -28.34
C ILE B 298 -6.67 -23.37 -26.93
N TYR B 299 -6.53 -22.05 -26.76
CA TYR B 299 -6.22 -21.45 -25.49
C TYR B 299 -7.50 -21.08 -24.85
N ALA B 300 -7.48 -20.94 -23.54
CA ALA B 300 -8.60 -20.45 -22.79
C ALA B 300 -8.12 -19.66 -21.60
N VAL B 301 -8.81 -18.59 -21.27
CA VAL B 301 -8.39 -17.74 -20.19
C VAL B 301 -9.60 -17.26 -19.49
N GLY B 302 -9.45 -16.60 -18.36
CA GLY B 302 -10.53 -15.95 -17.65
C GLY B 302 -11.41 -16.73 -16.71
N ASP B 303 -12.60 -16.22 -16.47
CA ASP B 303 -13.52 -16.83 -15.54
C ASP B 303 -13.97 -18.25 -15.81
N ALA B 304 -13.68 -18.79 -16.96
CA ALA B 304 -14.28 -20.05 -17.30
C ALA B 304 -13.31 -21.18 -17.09
N VAL B 305 -12.12 -20.80 -16.72
CA VAL B 305 -11.05 -21.72 -16.63
C VAL B 305 -10.75 -22.08 -15.18
N GLU B 306 -10.21 -23.25 -14.94
CA GLU B 306 -9.81 -23.64 -13.62
C GLU B 306 -8.37 -23.28 -13.54
N GLU B 307 -7.93 -22.63 -12.50
CA GLU B 307 -6.52 -22.30 -12.48
C GLU B 307 -5.81 -23.00 -11.35
N GLN B 308 -4.51 -22.89 -11.43
CA GLN B 308 -3.62 -23.58 -10.55
C GLN B 308 -3.49 -22.65 -9.30
N ASP B 309 -4.00 -23.09 -8.15
CA ASP B 309 -3.84 -22.39 -6.87
C ASP B 309 -2.35 -22.21 -6.46
N PHE B 310 -1.93 -20.97 -6.23
CA PHE B 310 -0.52 -20.65 -5.83
C PHE B 310 0.06 -21.49 -4.65
N VAL B 311 -0.74 -21.69 -3.62
CA VAL B 311 -0.25 -22.25 -2.39
C VAL B 311 -0.27 -23.78 -2.35
N THR B 312 -1.19 -24.40 -3.07
CA THR B 312 -1.44 -25.82 -2.93
C THR B 312 -1.06 -26.59 -4.18
N GLY B 313 -1.09 -25.97 -5.34
CA GLY B 313 -0.93 -26.74 -6.57
C GLY B 313 -2.27 -27.23 -7.11
N GLN B 314 -3.25 -27.38 -6.23
CA GLN B 314 -4.58 -27.83 -6.60
C GLN B 314 -5.30 -26.86 -7.57
N ALA B 315 -6.37 -27.36 -8.17
CA ALA B 315 -7.22 -26.53 -9.01
C ALA B 315 -8.02 -25.56 -8.13
N CYS B 316 -8.28 -24.34 -8.63
CA CYS B 316 -9.31 -23.45 -8.01
C CYS B 316 -10.12 -22.66 -9.06
N LEU B 317 -11.22 -22.08 -8.66
CA LEU B 317 -11.95 -21.18 -9.51
C LEU B 317 -12.03 -19.86 -8.86
N VAL B 318 -11.44 -18.84 -9.43
CA VAL B 318 -11.43 -17.53 -8.83
C VAL B 318 -11.76 -16.50 -9.85
N PRO B 319 -12.91 -15.89 -9.75
CA PRO B 319 -13.32 -14.98 -10.79
C PRO B 319 -12.81 -13.58 -10.63
N LEU B 320 -11.58 -13.30 -11.01
CA LEU B 320 -11.02 -11.99 -10.83
C LEU B 320 -10.46 -11.41 -12.08
N ALA B 321 -10.44 -10.09 -12.14
CA ALA B 321 -10.07 -9.33 -13.33
C ALA B 321 -8.60 -9.30 -13.63
N GLY B 322 -7.81 -9.09 -12.58
CA GLY B 322 -6.37 -8.99 -12.68
C GLY B 322 -5.88 -10.23 -13.34
N PRO B 323 -6.12 -11.43 -12.73
CA PRO B 323 -5.74 -12.66 -13.38
C PRO B 323 -6.21 -12.80 -14.83
N ALA B 324 -7.52 -12.62 -15.09
CA ALA B 324 -8.09 -12.70 -16.44
C ALA B 324 -7.32 -11.86 -17.44
N ASN B 325 -6.92 -10.64 -17.07
CA ASN B 325 -6.26 -9.77 -18.05
C ASN B 325 -4.91 -10.31 -18.37
N ARG B 326 -4.18 -10.61 -17.30
CA ARG B 326 -2.82 -11.06 -17.43
C ARG B 326 -2.77 -12.44 -18.09
N GLN B 327 -3.72 -13.32 -17.76
CA GLN B 327 -3.86 -14.58 -18.48
C GLN B 327 -4.06 -14.28 -19.93
N GLY B 328 -4.76 -13.23 -20.24
CA GLY B 328 -5.18 -13.09 -21.63
C GLY B 328 -4.01 -12.69 -22.44
N ARG B 329 -3.29 -11.70 -21.96
CA ARG B 329 -2.05 -11.25 -22.59
C ARG B 329 -1.04 -12.44 -22.82
N MET B 330 -0.89 -13.32 -21.84
CA MET B 330 0.06 -14.41 -21.94
C MET B 330 -0.39 -15.45 -22.96
N ALA B 331 -1.70 -15.70 -22.98
CA ALA B 331 -2.28 -16.45 -24.07
C ALA B 331 -1.85 -15.90 -25.42
N ALA B 332 -1.94 -14.58 -25.61
CA ALA B 332 -1.47 -13.96 -26.88
C ALA B 332 0.02 -14.28 -27.12
N ASP B 333 0.84 -14.12 -26.08
CA ASP B 333 2.26 -14.44 -26.17
C ASP B 333 2.45 -15.89 -26.64
N ASN B 334 1.61 -16.79 -26.13
CA ASN B 334 1.82 -18.19 -26.37
C ASN B 334 1.44 -18.58 -27.77
N MET B 335 0.39 -17.93 -28.27
CA MET B 335 -0.02 -18.09 -29.68
C MET B 335 1.14 -17.74 -30.64
N PHE B 336 2.07 -16.88 -30.22
CA PHE B 336 3.29 -16.62 -31.01
C PHE B 336 4.54 -17.41 -30.58
N GLY B 337 4.30 -18.63 -30.08
CA GLY B 337 5.36 -19.59 -29.72
C GLY B 337 6.24 -19.22 -28.53
N ARG B 338 5.89 -18.22 -27.71
CA ARG B 338 6.76 -17.77 -26.63
C ARG B 338 6.84 -18.62 -25.38
N GLU B 339 5.90 -19.56 -25.28
CA GLU B 339 5.80 -20.56 -24.22
C GLU B 339 6.08 -20.04 -22.84
N GLU B 340 5.35 -18.99 -22.45
CA GLU B 340 5.40 -18.42 -21.09
C GLU B 340 4.41 -19.22 -20.22
N ARG B 341 4.69 -19.38 -18.93
CA ARG B 341 3.77 -20.12 -18.06
C ARG B 341 3.25 -19.23 -16.93
N TYR B 342 1.94 -19.36 -16.72
CA TYR B 342 1.23 -18.75 -15.62
C TYR B 342 1.71 -19.33 -14.29
N GLN B 343 1.78 -18.48 -13.27
CA GLN B 343 2.42 -18.87 -12.06
C GLN B 343 1.59 -19.02 -10.82
N GLY B 344 0.31 -19.32 -11.03
CA GLY B 344 -0.63 -19.71 -9.99
C GLY B 344 -1.40 -18.46 -9.61
N THR B 345 -2.48 -18.64 -8.82
CA THR B 345 -3.44 -17.62 -8.38
C THR B 345 -3.46 -17.53 -6.85
N GLN B 346 -3.23 -16.35 -6.28
CA GLN B 346 -3.26 -16.22 -4.81
C GLN B 346 -4.65 -15.98 -4.21
N GLY B 347 -5.62 -15.61 -5.04
CA GLY B 347 -6.94 -15.24 -4.54
C GLY B 347 -6.99 -13.79 -4.01
N THR B 348 -6.02 -12.96 -4.40
CA THR B 348 -5.95 -11.62 -3.85
C THR B 348 -7.26 -10.91 -4.15
N ALA B 349 -7.97 -10.47 -3.12
CA ALA B 349 -9.29 -9.81 -3.27
C ALA B 349 -9.40 -8.64 -2.29
N ILE B 350 -10.26 -7.66 -2.62
CA ILE B 350 -10.62 -6.64 -1.68
C ILE B 350 -11.98 -6.06 -2.01
N CYS B 351 -12.73 -5.66 -0.99
CA CYS B 351 -14.06 -5.14 -1.20
C CYS B 351 -14.44 -4.00 -0.26
N LYS B 352 -15.00 -2.91 -0.79
CA LYS B 352 -15.47 -1.82 0.07
C LYS B 352 -16.72 -2.27 0.77
N VAL B 353 -16.82 -1.99 2.06
CA VAL B 353 -18.08 -2.27 2.78
C VAL B 353 -18.35 -1.00 3.63
N PHE B 354 -19.13 -0.10 3.09
CA PHE B 354 -19.27 1.19 3.69
C PHE B 354 -17.93 1.81 4.01
N ASP B 355 -17.71 2.27 5.23
CA ASP B 355 -16.42 2.88 5.56
C ASP B 355 -15.21 1.87 5.56
N LEU B 356 -15.46 0.57 5.51
CA LEU B 356 -14.42 -0.44 5.71
C LEU B 356 -13.84 -1.00 4.40
N ALA B 357 -12.60 -1.51 4.39
CA ALA B 357 -12.24 -2.34 3.29
C ALA B 357 -11.98 -3.68 3.94
N VAL B 358 -12.42 -4.75 3.29
CA VAL B 358 -12.21 -6.11 3.72
C VAL B 358 -11.40 -6.82 2.64
N GLY B 359 -10.18 -7.25 2.97
CA GLY B 359 -9.35 -7.86 1.93
C GLY B 359 -8.53 -9.06 2.31
N ALA B 360 -8.04 -9.79 1.31
CA ALA B 360 -7.28 -11.03 1.55
C ALA B 360 -6.42 -11.48 0.40
N THR B 361 -5.41 -12.26 0.73
CA THR B 361 -4.68 -13.01 -0.25
C THR B 361 -4.36 -14.35 0.37
N GLY B 362 -4.23 -15.37 -0.46
CA GLY B 362 -3.68 -16.65 0.00
C GLY B 362 -4.81 -17.59 0.39
N LYS B 363 -4.59 -18.41 1.40
CA LYS B 363 -5.61 -19.36 1.78
C LYS B 363 -6.17 -18.94 3.13
N ASN B 364 -7.46 -19.13 3.35
CA ASN B 364 -8.08 -18.78 4.66
C ASN B 364 -8.14 -19.93 5.65
N GLU B 365 -8.49 -19.66 6.92
CA GLU B 365 -8.55 -20.75 7.91
C GLU B 365 -9.47 -21.94 7.47
N LYS B 366 -10.60 -21.63 6.84
CA LYS B 366 -11.49 -22.69 6.44
C LYS B 366 -10.81 -23.65 5.39
N GLN B 367 -10.18 -23.04 4.39
CA GLN B 367 -9.57 -23.77 3.30
C GLN B 367 -8.44 -24.68 3.76
N LEU B 368 -7.63 -24.17 4.69
CA LEU B 368 -6.51 -24.91 5.27
C LEU B 368 -6.93 -26.12 6.10
N LYS B 369 -7.94 -25.98 6.97
CA LYS B 369 -8.43 -27.12 7.75
C LYS B 369 -8.89 -28.13 6.74
N GLN B 370 -9.81 -27.72 5.89
CA GLN B 370 -10.44 -28.65 5.00
C GLN B 370 -9.49 -29.36 4.07
N ALA B 371 -8.22 -28.93 4.04
CA ALA B 371 -7.23 -29.57 3.16
C ALA B 371 -6.19 -30.29 4.00
N GLY B 372 -6.46 -30.39 5.31
CA GLY B 372 -5.55 -31.04 6.25
C GLY B 372 -4.13 -30.43 6.34
N ILE B 373 -3.98 -29.15 6.04
CA ILE B 373 -2.70 -28.45 6.26
C ILE B 373 -2.61 -27.87 7.69
N ALA B 374 -1.57 -28.26 8.42
CA ALA B 374 -1.34 -27.75 9.79
C ALA B 374 -0.97 -26.29 9.69
N PHE B 375 -1.52 -25.46 10.57
CA PHE B 375 -1.19 -24.02 10.49
C PHE B 375 -1.26 -23.38 11.89
N GLU B 376 -0.72 -22.17 12.01
CA GLU B 376 -1.02 -21.32 13.14
C GLU B 376 -1.48 -19.98 12.57
N LYS B 377 -1.93 -19.10 13.43
CA LYS B 377 -2.51 -17.87 12.95
C LYS B 377 -2.17 -16.78 13.94
N VAL B 378 -1.90 -15.61 13.42
CA VAL B 378 -1.70 -14.51 14.33
C VAL B 378 -2.66 -13.34 13.98
N TYR B 379 -3.09 -12.62 15.03
CA TYR B 379 -3.94 -11.42 14.91
C TYR B 379 -3.27 -10.17 15.47
N VAL B 380 -3.52 -9.01 14.85
CA VAL B 380 -2.88 -7.80 15.33
C VAL B 380 -3.84 -6.65 15.05
N HIS B 381 -3.90 -5.65 15.93
CA HIS B 381 -4.79 -4.50 15.73
C HIS B 381 -4.07 -3.18 15.70
N THR B 382 -3.15 -2.99 14.74
CA THR B 382 -2.21 -1.85 14.80
C THR B 382 -2.86 -0.67 14.09
N ALA B 383 -2.45 0.52 14.52
CA ALA B 383 -2.85 1.73 13.81
C ALA B 383 -2.30 1.75 12.36
N SER B 384 -3.02 2.40 11.46
CA SER B 384 -2.64 2.40 10.09
C SER B 384 -1.47 3.32 9.86
N HIS B 385 -1.33 4.32 10.72
CA HIS B 385 -0.17 5.20 10.67
C HIS B 385 0.10 5.69 12.09
N ALA B 386 1.21 6.38 12.36
CA ALA B 386 1.57 6.69 13.75
C ALA B 386 0.42 7.34 14.52
N SER B 387 0.05 6.80 15.68
CA SER B 387 -1.18 7.22 16.41
C SER B 387 -1.24 8.71 16.68
N TYR B 388 -0.08 9.29 16.98
CA TYR B 388 0.03 10.71 17.31
C TYR B 388 -0.28 11.71 16.20
N TYR B 389 -0.51 11.21 14.98
CA TYR B 389 -0.88 12.02 13.80
C TYR B 389 -2.33 11.79 13.45
N PRO B 390 -3.06 12.87 13.14
CA PRO B 390 -4.51 12.64 13.16
C PRO B 390 -4.94 11.69 12.04
N GLY B 391 -6.01 10.92 12.30
CA GLY B 391 -6.57 10.01 11.30
C GLY B 391 -6.06 8.57 11.23
N ALA B 392 -5.42 8.10 12.31
CA ALA B 392 -4.98 6.71 12.38
C ALA B 392 -6.25 5.90 12.36
N GLU B 393 -6.22 4.68 11.83
CA GLU B 393 -7.35 3.78 11.96
C GLU B 393 -6.82 2.43 12.36
N VAL B 394 -7.62 1.72 13.16
CA VAL B 394 -7.27 0.38 13.57
C VAL B 394 -7.30 -0.55 12.37
N VAL B 395 -6.16 -1.22 12.14
CA VAL B 395 -6.06 -2.23 11.09
C VAL B 395 -6.09 -3.61 11.71
N SER B 396 -7.22 -4.28 11.65
CA SER B 396 -7.28 -5.65 12.21
C SER B 396 -6.74 -6.59 11.12
N PHE B 397 -5.77 -7.44 11.48
CA PHE B 397 -4.99 -8.15 10.50
C PHE B 397 -4.75 -9.58 10.95
N LYS B 398 -5.00 -10.53 10.09
CA LYS B 398 -4.77 -11.91 10.40
C LYS B 398 -3.68 -12.49 9.57
N LEU B 399 -2.73 -13.16 10.18
CA LEU B 399 -1.70 -13.86 9.45
C LEU B 399 -1.76 -15.35 9.63
N LEU B 400 -1.76 -16.09 8.54
CA LEU B 400 -1.79 -17.54 8.59
C LEU B 400 -0.53 -18.19 8.07
N PHE B 401 0.13 -18.97 8.89
CA PHE B 401 1.46 -19.54 8.49
C PHE B 401 1.66 -20.94 9.09
N ASP B 402 2.74 -21.60 8.64
CA ASP B 402 3.23 -22.87 9.16
C ASP B 402 4.08 -22.57 10.40
N PRO B 403 3.73 -23.18 11.55
CA PRO B 403 4.44 -22.89 12.80
C PRO B 403 5.86 -23.45 12.85
N VAL B 404 6.16 -24.52 12.11
CA VAL B 404 7.54 -24.98 12.03
C VAL B 404 8.34 -24.27 10.92
N LYS B 405 7.92 -24.43 9.66
CA LYS B 405 8.70 -23.95 8.51
C LYS B 405 8.59 -22.45 8.25
N GLY B 406 7.57 -21.79 8.76
CA GLY B 406 7.41 -20.33 8.53
C GLY B 406 6.77 -19.91 7.22
N THR B 407 6.36 -20.90 6.43
CA THR B 407 5.61 -20.69 5.19
C THR B 407 4.45 -19.73 5.38
N ILE B 408 4.29 -18.78 4.45
CA ILE B 408 3.16 -17.85 4.52
C ILE B 408 1.97 -18.43 3.77
N PHE B 409 0.89 -18.76 4.51
CA PHE B 409 -0.33 -19.29 3.88
C PHE B 409 -1.33 -18.25 3.35
N GLY B 410 -1.50 -17.16 4.08
CA GLY B 410 -2.50 -16.13 3.69
C GLY B 410 -2.49 -14.98 4.67
N ALA B 411 -3.12 -13.89 4.30
CA ALA B 411 -3.29 -12.82 5.25
C ALA B 411 -4.64 -12.16 5.01
N GLN B 412 -5.22 -11.55 6.04
CA GLN B 412 -6.49 -10.81 5.87
C GLN B 412 -6.48 -9.54 6.68
N ALA B 413 -7.15 -8.50 6.18
CA ALA B 413 -7.16 -7.26 6.92
C ALA B 413 -8.53 -6.58 6.80
N VAL B 414 -9.00 -5.93 7.87
CA VAL B 414 -10.27 -5.21 7.84
C VAL B 414 -10.06 -3.92 8.56
N GLY B 415 -10.53 -2.83 7.97
CA GLY B 415 -10.51 -1.50 8.62
C GLY B 415 -10.77 -0.28 7.73
N LYS B 416 -10.73 0.88 8.37
CA LYS B 416 -11.06 2.15 7.72
C LYS B 416 -9.98 2.72 6.79
N ASP B 417 -8.75 2.21 6.87
CA ASP B 417 -7.63 2.83 6.16
C ASP B 417 -6.43 1.87 6.08
N GLY B 418 -5.79 1.79 4.90
CA GLY B 418 -4.48 1.15 4.68
C GLY B 418 -4.45 -0.35 4.49
N ILE B 419 -5.57 -0.90 4.01
CA ILE B 419 -5.87 -2.33 3.99
C ILE B 419 -5.41 -2.90 2.68
N ASP B 420 -5.68 -2.16 1.64
CA ASP B 420 -5.16 -2.45 0.30
C ASP B 420 -3.59 -2.50 0.32
N LYS B 421 -2.98 -1.57 1.05
CA LYS B 421 -1.54 -1.52 1.19
C LYS B 421 -0.98 -2.74 1.93
N ARG B 422 -1.64 -3.14 3.01
CA ARG B 422 -1.07 -4.24 3.78
C ARG B 422 -1.37 -5.58 3.08
N ILE B 423 -2.37 -5.60 2.19
CA ILE B 423 -2.73 -6.84 1.49
C ILE B 423 -1.84 -7.03 0.28
N ASP B 424 -1.58 -5.91 -0.43
CA ASP B 424 -0.59 -5.90 -1.51
C ASP B 424 0.79 -6.33 -1.02
N VAL B 425 1.28 -5.73 0.06
CA VAL B 425 2.54 -6.15 0.68
C VAL B 425 2.62 -7.69 0.91
N MET B 426 1.60 -8.23 1.56
CA MET B 426 1.54 -9.66 1.84
C MET B 426 1.55 -10.46 0.53
N ALA B 427 0.87 -10.01 -0.48
CA ALA B 427 0.86 -10.70 -1.73
C ALA B 427 2.22 -10.79 -2.35
N VAL B 428 2.89 -9.68 -2.48
CA VAL B 428 4.20 -9.69 -3.02
C VAL B 428 5.07 -10.66 -2.27
N ALA B 429 4.94 -10.61 -0.96
CA ALA B 429 5.81 -11.29 -0.07
C ALA B 429 5.66 -12.76 -0.13
N GLN B 430 4.43 -13.22 -0.13
CA GLN B 430 4.18 -14.61 -0.26
C GLN B 430 4.50 -15.11 -1.65
N ARG B 431 4.26 -14.33 -2.66
CA ARG B 431 4.65 -14.75 -3.94
C ARG B 431 6.13 -14.62 -4.17
N ALA B 432 6.87 -14.00 -3.27
CA ALA B 432 8.30 -13.96 -3.47
C ALA B 432 8.95 -15.08 -2.68
N GLY B 433 8.14 -15.85 -1.98
CA GLY B 433 8.67 -16.96 -1.18
C GLY B 433 9.18 -16.53 0.19
N MET B 434 8.71 -15.40 0.71
CA MET B 434 9.19 -14.97 2.02
C MET B 434 8.62 -15.87 3.06
N THR B 435 9.31 -15.94 4.20
CA THR B 435 8.77 -16.64 5.36
C THR B 435 8.49 -15.65 6.44
N VAL B 436 7.78 -16.10 7.46
CA VAL B 436 7.52 -15.19 8.56
C VAL B 436 8.78 -14.70 9.23
N GLU B 437 9.77 -15.48 9.57
CA GLU B 437 10.93 -14.85 10.16
C GLU B 437 11.38 -13.74 9.30
N GLN B 438 11.32 -13.92 8.01
CA GLN B 438 11.79 -12.89 7.10
C GLN B 438 10.93 -11.60 7.04
N LEU B 439 9.63 -11.73 7.28
CA LEU B 439 8.77 -10.57 7.36
C LEU B 439 9.25 -9.57 8.44
N GLN B 440 10.06 -10.03 9.38
CA GLN B 440 10.43 -9.21 10.50
C GLN B 440 11.32 -8.06 10.05
N HIS B 441 12.03 -8.25 8.92
CA HIS B 441 13.08 -7.37 8.45
C HIS B 441 12.63 -6.45 7.35
N LEU B 442 11.33 -6.38 7.11
CA LEU B 442 10.78 -5.45 6.14
C LEU B 442 11.01 -3.99 6.53
N GLU B 443 11.30 -3.16 5.54
CA GLU B 443 11.61 -1.77 5.73
C GLU B 443 10.60 -0.95 4.93
N LEU B 444 9.44 -0.63 5.52
CA LEU B 444 8.37 0.04 4.73
C LEU B 444 8.45 1.54 4.93
N SER B 445 7.57 2.34 4.32
CA SER B 445 7.85 3.75 4.29
C SER B 445 7.21 4.46 5.43
N TYR B 446 8.03 5.02 6.32
CA TYR B 446 7.46 5.70 7.44
C TYR B 446 7.65 7.21 7.41
N ALA B 447 6.56 7.92 7.22
CA ALA B 447 6.40 9.33 7.70
C ALA B 447 5.05 9.38 8.38
N PRO B 448 4.88 10.25 9.40
CA PRO B 448 3.70 10.27 10.26
C PRO B 448 2.38 10.22 9.50
N PRO B 449 2.25 10.92 8.35
CA PRO B 449 0.93 10.72 7.74
C PRO B 449 0.75 9.44 6.95
N TYR B 450 1.61 8.43 7.04
CA TYR B 450 1.51 7.29 6.11
C TYR B 450 1.87 5.91 6.64
N GLY B 451 2.68 5.82 7.69
CA GLY B 451 2.99 4.50 8.22
C GLY B 451 3.41 4.62 9.70
N SER B 452 4.15 3.64 10.20
CA SER B 452 4.62 3.73 11.57
C SER B 452 6.06 3.30 11.63
N ALA B 453 6.71 3.55 12.74
CA ALA B 453 8.08 3.10 12.94
C ALA B 453 8.13 1.59 12.67
N LYS B 454 7.17 0.85 13.25
CA LYS B 454 7.02 -0.58 12.97
C LYS B 454 5.65 -0.73 12.37
N ASP B 455 5.57 -1.19 11.13
CA ASP B 455 4.30 -1.22 10.42
C ASP B 455 3.42 -2.35 10.92
N VAL B 456 2.13 -2.30 10.58
CA VAL B 456 1.20 -3.42 10.82
C VAL B 456 1.94 -4.75 10.60
N ILE B 457 2.55 -4.89 9.44
CA ILE B 457 3.25 -6.11 9.07
C ILE B 457 4.47 -6.53 9.90
N ASN B 458 5.34 -5.57 10.17
CA ASN B 458 6.45 -5.80 11.08
C ASN B 458 5.96 -6.37 12.42
N GLN B 459 4.91 -5.77 12.99
CA GLN B 459 4.29 -6.22 14.26
C GLN B 459 3.76 -7.65 14.07
N ALA B 460 2.91 -7.85 13.06
CA ALA B 460 2.40 -9.18 12.83
C ALA B 460 3.59 -10.16 12.78
N ALA B 461 4.67 -9.77 12.09
CA ALA B 461 5.84 -10.62 11.97
C ALA B 461 6.43 -10.92 13.37
N PHE B 462 6.61 -9.88 14.19
CA PHE B 462 7.15 -10.17 15.53
C PHE B 462 6.25 -11.13 16.28
N VAL B 463 4.95 -10.90 16.28
CA VAL B 463 4.04 -11.82 16.94
C VAL B 463 4.20 -13.25 16.47
N ALA B 464 4.10 -13.56 15.18
CA ALA B 464 4.14 -14.97 14.75
C ALA B 464 5.53 -15.61 15.00
N SER B 465 6.57 -14.84 14.68
CA SER B 465 7.93 -15.28 14.93
C SER B 465 8.14 -15.61 16.38
N ASN B 466 7.58 -14.81 17.27
CA ASN B 466 7.72 -15.14 18.69
C ASN B 466 7.12 -16.51 19.01
N ILE B 467 5.95 -16.84 18.44
CA ILE B 467 5.37 -18.17 18.61
C ILE B 467 6.24 -19.27 17.91
N ILE B 468 6.77 -18.94 16.73
CA ILE B 468 7.59 -19.90 16.01
C ILE B 468 8.75 -20.37 16.88
N LYS B 469 9.26 -19.49 17.73
CA LYS B 469 10.49 -19.74 18.46
C LYS B 469 10.20 -20.12 19.89
N GLY B 470 8.92 -20.26 20.26
CA GLY B 470 8.59 -20.53 21.68
C GLY B 470 8.77 -19.37 22.68
N ASP B 471 9.03 -18.16 22.19
CA ASP B 471 9.00 -16.95 23.03
C ASP B 471 7.55 -16.48 23.34
N ALA B 472 6.56 -17.12 22.71
CA ALA B 472 5.15 -16.92 23.03
C ALA B 472 4.41 -18.25 22.99
N THR B 473 3.25 -18.28 23.61
CA THR B 473 2.42 -19.45 23.62
C THR B 473 1.02 -18.98 23.54
N PRO B 474 0.33 -19.35 22.49
CA PRO B 474 -0.97 -18.80 22.24
C PRO B 474 -2.10 -19.51 22.89
N ILE B 475 -3.21 -18.81 23.00
CA ILE B 475 -4.50 -19.42 23.10
C ILE B 475 -5.34 -18.61 22.15
N HIS B 476 -6.40 -19.17 21.62
CA HIS B 476 -7.21 -18.41 20.68
C HIS B 476 -8.61 -18.12 21.15
N PHE B 477 -9.27 -17.20 20.47
CA PHE B 477 -10.64 -16.84 20.83
C PHE B 477 -11.60 -18.06 21.01
N ASP B 478 -11.43 -19.12 20.24
CA ASP B 478 -12.39 -20.23 20.32
C ASP B 478 -12.06 -21.19 21.43
N GLN B 479 -10.92 -20.95 22.08
CA GLN B 479 -10.40 -21.90 23.05
C GLN B 479 -10.61 -21.44 24.47
N ILE B 480 -10.88 -20.16 24.64
CA ILE B 480 -10.81 -19.54 25.95
C ILE B 480 -12.15 -19.64 26.69
N ASP B 481 -13.08 -20.35 26.12
CA ASP B 481 -14.38 -20.45 26.71
C ASP B 481 -14.50 -21.78 27.36
N ASN B 482 -13.51 -22.61 27.10
CA ASN B 482 -13.49 -23.95 27.56
C ASN B 482 -12.28 -24.09 28.39
N LEU B 483 -12.29 -23.62 29.62
CA LEU B 483 -11.08 -23.68 30.40
C LEU B 483 -11.16 -24.77 31.44
N SER B 484 -10.00 -25.16 31.97
CA SER B 484 -9.85 -26.29 32.85
C SER B 484 -9.46 -25.82 34.20
N GLU B 485 -9.59 -26.61 35.25
CA GLU B 485 -9.21 -25.99 36.50
C GLU B 485 -7.70 -26.14 36.79
N ASP B 486 -6.94 -26.42 35.74
CA ASP B 486 -5.50 -26.17 35.80
C ASP B 486 -5.17 -24.72 35.40
N GLN B 487 -6.17 -23.99 34.87
CA GLN B 487 -5.92 -22.69 34.22
C GLN B 487 -6.58 -21.51 34.91
N LEU B 488 -5.85 -20.43 35.09
CA LEU B 488 -6.43 -19.26 35.74
C LEU B 488 -6.56 -18.12 34.74
N LEU B 489 -7.77 -17.54 34.64
CA LEU B 489 -8.03 -16.45 33.65
C LEU B 489 -7.61 -15.13 34.25
N LEU B 490 -6.66 -14.45 33.58
CA LEU B 490 -6.13 -13.16 34.04
C LEU B 490 -6.30 -12.07 33.00
N ASP B 491 -6.95 -10.99 33.41
CA ASP B 491 -7.22 -9.81 32.58
C ASP B 491 -6.23 -8.72 32.98
N VAL B 492 -5.31 -8.37 32.08
CA VAL B 492 -4.35 -7.31 32.39
C VAL B 492 -4.69 -5.88 31.89
N ARG B 493 -5.94 -5.66 31.52
CA ARG B 493 -6.42 -4.31 31.20
C ARG B 493 -6.56 -3.53 32.50
N ASN B 494 -6.79 -2.22 32.40
CA ASN B 494 -7.08 -1.41 33.57
C ASN B 494 -8.55 -1.56 34.01
N PRO B 495 -8.87 -1.34 35.31
CA PRO B 495 -10.26 -1.51 35.83
C PRO B 495 -11.31 -0.76 35.00
N GLY B 496 -11.01 0.48 34.60
CA GLY B 496 -11.89 1.25 33.72
C GLY B 496 -12.34 0.55 32.47
N GLU B 497 -11.50 -0.32 31.91
CA GLU B 497 -11.77 -0.89 30.59
C GLU B 497 -12.77 -2.05 30.66
N LEU B 498 -13.01 -2.56 31.85
CA LEU B 498 -13.77 -3.78 31.97
C LEU B 498 -15.21 -3.48 31.63
N GLN B 499 -15.63 -2.23 31.85
CA GLN B 499 -16.97 -1.74 31.47
C GLN B 499 -17.44 -2.03 30.03
N ASN B 500 -16.50 -2.25 29.10
CA ASN B 500 -16.81 -2.33 27.66
C ASN B 500 -16.88 -3.75 27.14
N GLY B 501 -16.95 -4.71 28.06
CA GLY B 501 -16.95 -6.14 27.72
C GLY B 501 -15.82 -6.87 28.41
N GLY B 502 -16.09 -8.12 28.79
CA GLY B 502 -15.14 -8.91 29.52
C GLY B 502 -15.47 -10.37 29.49
N LEU B 503 -14.56 -11.17 29.99
CA LEU B 503 -14.82 -12.58 30.22
C LEU B 503 -15.08 -12.80 31.70
N GLU B 504 -16.21 -13.45 31.96
CA GLU B 504 -16.67 -13.74 33.32
C GLU B 504 -15.61 -14.53 34.08
N GLY B 505 -15.37 -14.13 35.33
CA GLY B 505 -14.55 -14.89 36.29
C GLY B 505 -13.06 -14.62 36.31
N ALA B 506 -12.64 -13.55 35.64
CA ALA B 506 -11.23 -13.31 35.40
C ALA B 506 -10.66 -12.48 36.53
N VAL B 507 -9.39 -12.68 36.84
CA VAL B 507 -8.72 -11.86 37.85
C VAL B 507 -8.10 -10.65 37.21
N ASN B 508 -8.28 -9.50 37.81
CA ASN B 508 -7.79 -8.30 37.21
C ASN B 508 -6.58 -7.75 37.88
N ILE B 509 -5.45 -7.88 37.25
CA ILE B 509 -4.29 -7.19 37.67
C ILE B 509 -3.81 -6.50 36.47
N PRO B 510 -3.92 -5.20 36.41
CA PRO B 510 -3.44 -4.42 35.27
C PRO B 510 -1.93 -4.58 35.04
N VAL B 511 -1.48 -4.79 33.81
CA VAL B 511 -0.03 -5.00 33.58
C VAL B 511 0.88 -4.13 34.38
N ASP B 512 0.50 -2.90 34.66
CA ASP B 512 1.49 -2.02 35.28
C ASP B 512 1.65 -2.22 36.77
N GLU B 513 0.86 -3.15 37.33
CA GLU B 513 1.01 -3.47 38.73
C GLU B 513 1.47 -4.89 38.87
N LEU B 514 1.49 -5.63 37.76
CA LEU B 514 1.73 -7.07 37.76
C LEU B 514 3.05 -7.46 38.39
N ARG B 515 4.12 -6.75 38.08
CA ARG B 515 5.43 -7.11 38.66
C ARG B 515 5.39 -7.12 40.20
N ASP B 516 4.82 -6.07 40.76
CA ASP B 516 4.64 -5.96 42.21
C ASP B 516 3.58 -6.89 42.77
N ARG B 517 2.63 -7.32 41.96
CA ARG B 517 1.51 -8.09 42.49
C ARG B 517 1.56 -9.54 42.04
N MET B 518 2.72 -9.97 41.54
CA MET B 518 2.75 -11.29 40.96
C MET B 518 2.46 -12.39 41.94
N HIS B 519 3.06 -12.33 43.13
CA HIS B 519 2.87 -13.33 44.19
C HIS B 519 1.38 -13.68 44.44
N GLU B 520 0.46 -12.77 44.11
CA GLU B 520 -1.00 -13.02 44.19
C GLU B 520 -1.53 -14.12 43.25
N LEU B 521 -0.71 -14.53 42.28
CA LEU B 521 -1.15 -15.50 41.31
C LEU B 521 -0.41 -16.75 41.63
N PRO B 522 -1.18 -17.83 41.91
CA PRO B 522 -0.64 -19.16 42.20
C PRO B 522 0.23 -19.72 41.05
N LYS B 523 1.42 -20.17 41.38
CA LYS B 523 2.33 -20.71 40.42
C LYS B 523 1.95 -22.16 40.00
N ASP B 524 0.89 -22.74 40.61
CA ASP B 524 0.51 -24.17 40.35
C ASP B 524 -0.51 -24.24 39.22
N LYS B 525 -0.98 -23.06 38.82
CA LYS B 525 -1.88 -22.94 37.66
C LYS B 525 -1.20 -22.23 36.49
N GLU B 526 -1.71 -22.52 35.30
CA GLU B 526 -1.27 -21.94 34.04
C GLU B 526 -2.12 -20.71 33.86
N ILE B 527 -1.47 -19.55 33.64
CA ILE B 527 -2.19 -18.28 33.54
C ILE B 527 -2.60 -17.95 32.11
N ILE B 528 -3.91 -17.82 31.88
CA ILE B 528 -4.41 -17.49 30.58
C ILE B 528 -4.69 -16.01 30.57
N ILE B 529 -3.96 -15.28 29.73
CA ILE B 529 -3.86 -13.86 29.87
C ILE B 529 -4.52 -13.15 28.71
N PHE B 530 -5.28 -12.08 29.01
CA PHE B 530 -5.76 -11.20 27.92
C PHE B 530 -5.72 -9.67 28.17
N CYS B 531 -5.28 -8.97 27.13
CA CYS B 531 -5.20 -7.55 26.98
C CYS B 531 -6.43 -7.29 26.18
N GLN B 532 -6.55 -6.12 25.60
CA GLN B 532 -7.64 -5.75 24.75
C GLN B 532 -7.34 -6.13 23.33
N VAL B 533 -6.06 -6.10 22.98
CA VAL B 533 -5.63 -6.16 21.60
C VAL B 533 -4.55 -7.26 21.40
N GLY B 534 -3.93 -7.69 22.50
CA GLY B 534 -2.89 -8.72 22.50
C GLY B 534 -1.56 -8.24 23.11
N LEU B 535 -1.34 -6.92 23.04
CA LEU B 535 -0.04 -6.30 23.32
C LEU B 535 0.37 -6.29 24.80
N ARG B 536 -0.47 -5.68 25.64
CA ARG B 536 -0.23 -5.71 27.09
C ARG B 536 -0.21 -7.12 27.61
N GLY B 537 -0.94 -7.98 26.92
CA GLY B 537 -0.94 -9.37 27.28
C GLY B 537 0.40 -10.01 27.04
N ASN B 538 1.05 -9.71 25.90
CA ASN B 538 2.37 -10.29 25.62
C ASN B 538 3.45 -9.77 26.58
N VAL B 539 3.34 -8.51 27.04
CA VAL B 539 4.14 -8.02 28.18
C VAL B 539 3.93 -8.87 29.49
N ALA B 540 2.67 -9.11 29.87
CA ALA B 540 2.35 -9.92 31.06
C ALA B 540 2.90 -11.34 30.90
N TYR B 541 2.71 -11.89 29.70
CA TYR B 541 3.17 -13.22 29.46
C TYR B 541 4.68 -13.30 29.67
N ARG B 542 5.41 -12.28 29.26
CA ARG B 542 6.86 -12.35 29.33
C ARG B 542 7.33 -12.24 30.78
N GLN B 543 6.63 -11.43 31.57
CA GLN B 543 6.87 -11.37 32.96
C GLN B 543 6.70 -12.68 33.66
N LEU B 544 5.66 -13.41 33.30
CA LEU B 544 5.29 -14.61 34.08
C LEU B 544 6.20 -15.76 33.69
N VAL B 545 6.23 -16.05 32.39
CA VAL B 545 7.13 -17.05 31.84
C VAL B 545 8.55 -16.80 32.38
N ASN B 546 9.01 -15.55 32.37
CA ASN B 546 10.32 -15.25 32.93
C ASN B 546 10.50 -15.51 34.43
N ASN B 547 9.43 -15.45 35.20
CA ASN B 547 9.44 -15.88 36.60
C ASN B 547 8.92 -17.32 36.78
N GLY B 548 9.15 -18.20 35.79
CA GLY B 548 8.76 -19.63 35.89
C GLY B 548 7.28 -20.09 35.94
N TYR B 549 6.32 -19.18 35.84
CA TYR B 549 4.91 -19.56 35.63
C TYR B 549 4.69 -20.20 34.24
N ARG B 550 3.59 -20.92 34.06
CA ARG B 550 3.25 -21.38 32.73
C ARG B 550 2.11 -20.53 32.26
N ALA B 551 2.20 -20.04 31.03
CA ALA B 551 1.24 -19.04 30.57
C ALA B 551 0.89 -19.15 29.09
N ARG B 552 -0.31 -18.71 28.75
CA ARG B 552 -0.71 -18.44 27.37
C ARG B 552 -1.25 -16.98 27.23
N ASN B 553 -1.00 -16.36 26.08
CA ASN B 553 -1.52 -15.03 25.75
C ASN B 553 -2.64 -15.19 24.74
N LEU B 554 -3.79 -14.55 25.02
CA LEU B 554 -4.94 -14.65 24.11
C LEU B 554 -4.67 -13.72 22.96
N ILE B 555 -4.41 -14.31 21.81
CA ILE B 555 -3.96 -13.61 20.61
C ILE B 555 -5.10 -12.82 20.02
N GLY B 556 -4.87 -11.55 19.83
CA GLY B 556 -5.90 -10.62 19.36
C GLY B 556 -6.82 -10.09 20.45
N GLY B 557 -6.52 -10.43 21.69
CA GLY B 557 -7.20 -9.93 22.84
C GLY B 557 -8.68 -9.98 22.78
N TYR B 558 -9.29 -9.18 23.61
CA TYR B 558 -10.71 -9.14 23.69
C TYR B 558 -11.34 -8.64 22.44
N ARG B 559 -10.58 -7.98 21.60
CA ARG B 559 -11.17 -7.36 20.44
C ARG B 559 -11.42 -8.37 19.37
N THR B 560 -10.52 -9.33 19.26
CA THR B 560 -10.71 -10.41 18.32
C THR B 560 -11.87 -11.27 18.75
N TYR B 561 -11.94 -11.58 20.03
CA TYR B 561 -13.00 -12.36 20.63
C TYR B 561 -14.34 -11.66 20.42
N LYS B 562 -14.41 -10.37 20.78
CA LYS B 562 -15.62 -9.57 20.65
C LYS B 562 -16.25 -9.77 19.28
N PHE B 563 -15.41 -9.79 18.25
CA PHE B 563 -15.96 -9.72 16.94
C PHE B 563 -16.18 -11.10 16.32
N ALA B 564 -15.95 -12.13 17.14
CA ALA B 564 -16.14 -13.53 16.78
C ALA B 564 -17.46 -14.10 17.28
N SER B 565 -18.33 -13.24 17.79
CA SER B 565 -19.80 -13.49 17.69
C SER B 565 -20.60 -12.44 18.43
PA FAD C . 17.50 9.88 18.61
O1A FAD C . 18.23 11.13 18.19
O2A FAD C . 16.04 9.79 18.20
O5B FAD C . 17.63 9.67 20.21
C5B FAD C . 18.94 9.75 20.69
C4B FAD C . 18.89 10.32 22.08
O4B FAD C . 20.12 10.01 22.73
C3B FAD C . 18.69 11.84 22.04
O3B FAD C . 17.49 12.27 22.65
C2B FAD C . 19.86 12.35 22.86
O2B FAD C . 19.47 13.27 23.82
C1B FAD C . 20.37 11.11 23.57
N9A FAD C . 21.77 11.30 23.85
C8A FAD C . 22.76 11.75 23.01
N7A FAD C . 23.91 11.78 23.73
C5A FAD C . 23.65 11.40 25.00
C6A FAD C . 24.42 11.26 26.13
N6A FAD C . 25.75 11.12 26.02
N1A FAD C . 23.83 10.82 27.29
C2A FAD C . 22.50 10.53 27.36
N3A FAD C . 21.73 10.68 26.23
C4A FAD C . 22.30 11.09 25.07
N1 FAD C . 12.46 9.19 10.67
C2 FAD C . 11.63 8.41 9.90
O2 FAD C . 11.91 7.21 9.72
N3 FAD C . 10.49 9.00 9.37
C4 FAD C . 10.23 10.34 9.60
O4 FAD C . 9.22 10.79 9.09
C4X FAD C . 11.10 11.12 10.37
N5 FAD C . 10.88 12.48 10.60
C5X FAD C . 11.78 13.21 11.41
C6 FAD C . 11.55 14.56 11.70
C7 FAD C . 12.48 15.26 12.49
C7M FAD C . 12.30 16.70 12.82
C8 FAD C . 13.58 14.60 13.03
C8M FAD C . 14.58 15.32 13.88
C9 FAD C . 13.78 13.25 12.75
C9A FAD C . 12.91 12.57 11.94
N10 FAD C . 13.12 11.22 11.69
C10 FAD C . 12.22 10.51 10.92
C1' FAD C . 14.35 10.53 12.20
C2' FAD C . 14.20 9.69 13.44
O2' FAD C . 13.83 10.62 14.39
C3' FAD C . 15.59 9.20 13.81
O3' FAD C . 16.12 8.39 12.78
C4' FAD C . 15.49 8.36 15.05
O4' FAD C . 14.84 9.14 16.05
C5' FAD C . 16.90 7.97 15.43
O5' FAD C . 16.86 7.35 16.67
P FAD C . 18.19 7.32 17.54
O1P FAD C . 17.92 6.34 18.67
O2P FAD C . 19.44 6.97 16.72
O3P FAD C . 18.48 8.79 18.04
N1A COA D . -0.33 -9.11 20.43
C2A COA D . 0.80 -9.67 21.01
N3A COA D . 2.01 -9.07 20.84
C4A COA D . 2.08 -7.93 20.15
C5A COA D . 0.95 -7.36 19.57
C6A COA D . -0.28 -7.95 19.71
N6A COA D . -1.42 -7.38 19.28
N7A COA D . 1.33 -6.25 18.94
C8A COA D . 2.68 -6.08 19.10
N9A COA D . 3.16 -7.13 19.86
C1B COA D . 4.42 -7.13 20.57
C2B COA D . 5.57 -7.31 19.59
O2B COA D . 5.96 -8.65 19.46
C3B COA D . 6.68 -6.52 20.22
O3B COA D . 7.40 -7.28 21.17
P3B COA D . 8.75 -8.10 20.85
O7A COA D . 8.48 -9.11 19.75
O8A COA D . 9.82 -7.20 20.29
O9A COA D . 8.92 -8.81 22.19
C4B COA D . 5.98 -5.45 21.00
O4B COA D . 4.63 -5.85 21.12
C5B COA D . 6.11 -4.17 20.24
O5B COA D . 5.67 -3.26 21.19
P1A COA D . 5.77 -1.71 20.79
O1A COA D . 5.83 -1.53 19.30
O2A COA D . 4.54 -1.02 21.33
O3A COA D . 7.19 -1.20 21.29
P2A COA D . 8.00 -1.72 22.61
O4A COA D . 9.06 -2.77 22.29
O5A COA D . 7.19 -2.09 23.86
O6A COA D . 8.63 -0.28 22.99
CBP COA D . 8.90 2.09 22.33
CCP COA D . 9.00 0.60 21.97
CDP COA D . 9.24 2.27 23.81
CEP COA D . 7.52 2.65 22.03
CAP COA D . 9.94 2.73 21.41
OAP COA D . 9.72 2.31 20.08
C9P COA D . 9.99 4.22 21.46
O9P COA D . 10.64 4.81 22.57
N8P COA D . 9.45 4.88 20.44
C7P COA D . 9.13 6.29 20.41
C6P COA D . 10.27 7.09 19.85
C5P COA D . 10.63 6.76 18.41
O5P COA D . 10.45 5.61 17.92
N4P COA D . 11.15 7.82 17.77
C3P COA D . 11.53 7.77 16.39
C2P COA D . 11.05 8.99 15.62
S1P COA D . 9.30 8.84 15.30
PA FAD E . -16.07 -11.62 -19.15
O1A FAD E . -17.42 -12.06 -18.68
O2A FAD E . -15.57 -10.29 -18.62
O5B FAD E . -16.08 -11.52 -20.76
C5B FAD E . -16.56 -12.59 -21.54
C4B FAD E . -17.38 -12.08 -22.72
O4B FAD E . -17.55 -13.11 -23.72
C3B FAD E . -18.77 -11.71 -22.24
O3B FAD E . -19.16 -10.43 -22.66
C2B FAD E . -19.69 -12.68 -22.96
O2B FAD E . -20.95 -12.06 -23.16
C1B FAD E . -18.91 -13.06 -24.22
N9A FAD E . -19.28 -14.39 -24.73
C8A FAD E . -19.55 -15.45 -23.90
N7A FAD E . -19.81 -16.55 -24.63
C5A FAD E . -19.74 -16.21 -25.92
C6A FAD E . -19.99 -17.00 -27.03
N6A FAD E . -19.99 -18.32 -26.82
N1A FAD E . -19.86 -16.44 -28.30
C2A FAD E . -19.51 -15.09 -28.39
N3A FAD E . -19.28 -14.29 -27.26
C4A FAD E . -19.40 -14.86 -26.02
N1 FAD E . -12.98 -8.71 -10.54
C2 FAD E . -11.99 -8.12 -9.75
O2 FAD E . -10.84 -8.56 -9.82
N3 FAD E . -12.29 -7.05 -8.92
C4 FAD E . -13.59 -6.56 -8.85
O4 FAD E . -13.90 -5.61 -8.10
C4X FAD E . -14.55 -7.15 -9.64
N5 FAD E . -15.82 -6.63 -9.57
C5X FAD E . -16.85 -7.19 -10.30
C6 FAD E . -18.14 -6.64 -10.20
C7 FAD E . -19.16 -7.18 -11.00
C7M FAD E . -20.55 -6.63 -10.96
C8 FAD E . -18.85 -8.25 -11.85
C8M FAD E . -19.90 -8.89 -12.69
C9 FAD E . -17.59 -8.78 -11.94
C9A FAD E . -16.56 -8.25 -11.17
N10 FAD E . -15.27 -8.77 -11.28
C10 FAD E . -14.26 -8.22 -10.49
C1' FAD E . -15.01 -9.94 -12.15
C2' FAD E . -14.39 -9.64 -13.50
O2' FAD E . -15.30 -8.87 -14.26
C3' FAD E . -14.14 -10.98 -14.19
O3' FAD E . -13.28 -11.83 -13.45
C4' FAD E . -13.54 -10.78 -15.57
O4' FAD E . -14.40 -9.97 -16.38
C5' FAD E . -13.32 -12.15 -16.21
O5' FAD E . -13.01 -11.95 -17.55
P FAD E . -13.55 -12.92 -18.70
O1P FAD E . -12.85 -12.42 -19.94
O2P FAD E . -13.21 -14.39 -18.41
O3P FAD E . -15.15 -12.81 -18.62
N1A COA F . 5.07 3.58 -21.39
C2A COA F . 5.29 2.52 -22.27
N3A COA F . 4.48 1.41 -22.28
C4A COA F . 3.46 1.33 -21.42
C5A COA F . 3.22 2.37 -20.50
C6A COA F . 4.02 3.52 -20.51
N6A COA F . 3.64 4.67 -19.91
N7A COA F . 2.17 2.03 -19.76
C8A COA F . 1.74 0.80 -20.17
N9A COA F . 2.54 0.32 -21.19
C1B COA F . 2.25 -0.84 -22.02
C2B COA F . 2.33 -2.16 -21.29
O2B COA F . 3.55 -2.84 -21.40
C3B COA F . 1.36 -3.01 -22.07
O3B COA F . 1.93 -3.39 -23.29
P3B COA F . 2.47 -4.85 -23.47
O7A COA F . 3.81 -5.04 -22.71
O8A COA F . 1.50 -5.95 -23.06
O9A COA F . 2.65 -4.85 -24.98
C4B COA F . 0.28 -2.04 -22.50
O4B COA F . 0.87 -0.75 -22.34
C5B COA F . -0.95 -2.28 -21.63
O5B COA F . -1.81 -1.19 -21.89
P1A COA F . -3.30 -1.31 -21.38
O1A COA F . -3.18 -1.56 -19.92
O2A COA F . -4.14 -0.13 -21.71
O3A COA F . -3.80 -2.69 -21.98
P2A COA F . -4.04 -2.94 -23.56
O4A COA F . -3.39 -4.30 -23.73
O5A COA F . -3.44 -1.92 -24.52
O6A COA F . -5.64 -2.98 -23.66
CBP COA F . -7.78 -3.65 -22.70
CCP COA F . -6.29 -3.98 -22.93
CDP COA F . -8.57 -3.81 -24.01
CEP COA F . -7.93 -2.21 -22.15
CAP COA F . -8.31 -4.67 -21.69
OAP COA F . -7.43 -4.82 -20.59
C9P COA F . -9.79 -4.48 -21.42
O9P COA F . -10.64 -4.83 -22.46
N8P COA F . -10.25 -4.00 -20.27
C7P COA F . -11.66 -3.86 -19.95
C6P COA F . -12.25 -5.15 -19.38
C5P COA F . -11.76 -5.38 -17.95
O5P COA F . -10.55 -5.31 -17.65
N4P COA F . -12.74 -5.59 -17.05
C3P COA F . -13.13 -6.78 -16.30
C2P COA F . -13.66 -6.32 -14.95
S1P COA F . -13.14 -4.61 -14.55
#